data_6PV3
#
_entry.id   6PV3
#
loop_
_entity.id
_entity.type
_entity.pdbx_description
1 polymer 'Transcription factor Sp1'
2 non-polymer 'ZINC ION'
#
_entity_poly.entity_id   1
_entity_poly.type   'polypeptide(L)'
_entity_poly.pdbx_seq_one_letter_code
;PF(9KK)CTW(AIB)GCGK(MMO)FTRS(B3D)ELQ(HMR)HK(HMR)TH(B3T)GEK(NH2)
;
_entity_poly.pdbx_strand_id   A
#
loop_
_chem_comp.id
_chem_comp.type
_chem_comp.name
_chem_comp.formula
NH2 non-polymer 'AMINO GROUP' 'H2 N'
ZN non-polymer 'ZINC ION' 'Zn 2'
#
# COMPACT_ATOMS: atom_id res chain seq x y z
N PRO A 1 -1.58 5.05 -11.54
CA PRO A 1 -2.02 4.83 -10.14
C PRO A 1 -0.84 4.39 -9.28
N PHE A 2 -1.09 4.22 -8.00
CA PHE A 2 -0.06 3.80 -7.07
C PHE A 2 -0.35 2.37 -6.62
N 9KK A 3 0.56 1.44 -6.90
CE 9KK A 3 0.19 -4.34 -9.10
CD 9KK A 3 0.44 -2.84 -9.21
CG 9KK A 3 0.29 -2.20 -7.84
CB 9KK A 3 0.57 -0.70 -7.91
CA 9KK A 3 0.30 0.03 -6.59
CM 9KK A 3 1.86 1.83 -7.51
C 9KK A 3 1.18 -0.52 -5.48
O 9KK A 3 2.40 -0.29 -5.44
HE3 9KK A 3 -0.80 -4.51 -8.72
HE2 9KK A 3 0.29 -4.79 -10.09
HE1 9KK A 3 0.92 -4.77 -8.44
HD2 9KK A 3 1.44 -2.68 -9.58
HD3 9KK A 3 -0.28 -2.42 -9.89
HG2 9KK A 3 -0.71 -2.36 -7.49
HG3 9KK A 3 1.00 -2.65 -7.16
HB2 9KK A 3 1.59 -0.56 -8.19
HB3 9KK A 3 -0.07 -0.28 -8.67
HA 9KK A 3 -0.73 -0.12 -6.31
HM1 9KK A 3 2.55 1.00 -7.44
HM3 9KK A 3 1.71 2.08 -8.54
HM2 9KK A 3 2.26 2.67 -6.98
N CYS A 4 0.55 -1.24 -4.57
CA CYS A 4 1.27 -1.88 -3.49
C CYS A 4 2.02 -3.10 -4.00
N THR A 5 3.33 -2.97 -4.15
CA THR A 5 4.16 -4.03 -4.67
C THR A 5 4.76 -4.87 -3.55
N TRP A 6 3.91 -5.26 -2.61
CA TRP A 6 4.35 -6.07 -1.47
C TRP A 6 4.27 -7.55 -1.84
N AIB A 7 5.18 -8.33 -1.27
CA AIB A 7 5.22 -9.78 -1.49
C AIB A 7 3.88 -10.42 -1.11
O AIB A 7 3.51 -10.44 0.06
CB1 AIB A 7 6.32 -10.38 -0.62
CB2 AIB A 7 5.57 -10.08 -2.94
H AIB A 7 5.84 -7.93 -0.67
HB11 AIB A 7 6.37 -11.44 -0.79
HB12 AIB A 7 6.10 -10.19 0.41
HB13 AIB A 7 7.27 -9.93 -0.89
HB21 AIB A 7 6.56 -9.68 -3.15
HB22 AIB A 7 4.85 -9.63 -3.58
HB23 AIB A 7 5.58 -11.16 -3.10
N GLY A 8 3.15 -10.93 -2.10
CA GLY A 8 1.87 -11.56 -1.82
C GLY A 8 0.72 -10.59 -1.93
N CYS A 9 1.03 -9.37 -2.31
CA CYS A 9 0.03 -8.34 -2.44
C CYS A 9 0.07 -7.75 -3.85
N GLY A 10 -0.79 -6.78 -4.11
CA GLY A 10 -0.85 -6.17 -5.41
C GLY A 10 -2.13 -5.37 -5.61
N LYS A 11 -2.33 -4.40 -4.74
CA LYS A 11 -3.54 -3.58 -4.76
C LYS A 11 -3.23 -2.21 -5.36
N MMO A 12 -4.18 -1.60 -6.10
CA MMO A 12 -3.92 -0.31 -6.75
C MMO A 12 -4.81 0.83 -6.23
O MMO A 12 -6.04 0.70 -6.15
CB MMO A 12 -4.20 -0.55 -8.24
CG MMO A 12 -3.31 -1.62 -8.87
CD MMO A 12 -3.62 -1.77 -10.36
NE MMO A 12 -2.86 -2.87 -10.95
CZ MMO A 12 -2.29 -2.81 -12.16
NH2 MMO A 12 -2.36 -1.70 -12.88
NH1 MMO A 12 -1.64 -3.86 -12.64
CN MMO A 12 -5.52 -2.23 -6.22
HA MMO A 12 -2.88 -0.02 -6.63
HCB1 MMO A 12 -4.06 0.37 -8.77
HCB2 MMO A 12 -5.23 -0.87 -8.35
HCG1 MMO A 12 -3.49 -2.56 -8.38
HCG2 MMO A 12 -2.29 -1.32 -8.75
HCD1 MMO A 12 -3.35 -0.85 -10.86
HCD2 MMO A 12 -4.66 -1.96 -10.48
HH21 MMO A 12 -2.84 -0.89 -12.52
HH22 MMO A 12 -1.93 -1.65 -13.79
HH11 MMO A 12 -1.21 -3.81 -13.55
HC1 MMO A 12 -5.48 -2.99 -6.98
HC2 MMO A 12 -6.24 -1.48 -6.50
HC3 MMO A 12 -5.80 -2.67 -5.29
HE MMO A 12 -2.79 -3.71 -10.44
HH12 MMO A 12 -1.58 -4.71 -12.10
N PHE A 13 -4.17 1.94 -5.90
CA PHE A 13 -4.86 3.07 -5.30
C PHE A 13 -4.62 4.33 -6.12
N THR A 14 -5.58 5.24 -6.10
CA THR A 14 -5.49 6.47 -6.86
C THR A 14 -4.89 7.59 -6.01
N ARG A 15 -4.60 7.27 -4.75
CA ARG A 15 -3.98 8.22 -3.84
C ARG A 15 -2.78 7.58 -3.16
N SER A 16 -1.64 8.25 -3.28
CA SER A 16 -0.40 7.76 -2.69
C SER A 16 -0.51 7.77 -1.17
OE1 B3D A 17 1.13 10.16 2.44
CD B3D A 17 0.56 10.29 1.33
OE2 B3D A 17 1.19 10.49 0.28
CG B3D A 17 -0.95 10.19 1.28
CA B3D A 17 -1.45 8.83 0.77
N B3D A 17 -1.24 8.74 -0.65
CB B3D A 17 -2.94 8.73 1.11
C B3D A 17 -3.39 7.33 1.40
O B3D A 17 -3.02 6.74 2.42
HG3 B3D A 17 -1.31 10.97 0.63
HG2 B3D A 17 -1.34 10.35 2.27
HA B3D A 17 -0.90 7.98 1.21
H B3D A 17 -1.64 9.41 -1.24
HB1 B3D A 17 -3.14 9.34 1.97
HB2 B3D A 17 -3.51 9.10 0.28
N GLU A 18 -4.17 6.77 0.49
CA GLU A 18 -4.74 5.45 0.65
C GLU A 18 -3.69 4.37 0.45
N LEU A 19 -2.74 4.60 -0.44
CA LEU A 19 -1.67 3.65 -0.67
C LEU A 19 -0.79 3.52 0.57
N GLN A 20 -0.32 4.64 1.09
CA GLN A 20 0.55 4.64 2.26
C GLN A 20 -0.20 4.15 3.49
N HMR A 21 -1.36 4.75 3.78
CB HMR A 21 -2.12 4.34 4.92
CC HMR A 21 -2.35 5.55 5.82
CG HMR A 21 -1.07 6.19 6.32
CD HMR A 21 -1.34 7.41 7.19
NE HMR A 21 -0.09 8.02 7.64
CZ HMR A 21 -0.02 9.18 8.29
NH1 HMR A 21 -1.13 9.86 8.57
NH2 HMR A 21 1.16 9.66 8.66
C HMR A 21 -3.51 2.29 4.48
O HMR A 21 -3.71 1.61 5.50
CA HMR A 21 -3.48 3.79 4.52
H HMR A 21 -1.69 5.47 3.19
HB HMR A 21 -1.52 3.54 5.42
HB2 HMR A 21 -2.92 5.24 6.69
HB3 HMR A 21 -2.92 6.29 5.28
HG2 HMR A 21 -0.49 6.49 5.46
HG3 HMR A 21 -0.52 5.46 6.89
HD2 HMR A 21 -1.91 7.10 8.06
HD3 HMR A 21 -1.89 8.13 6.62
HE HMR A 21 0.75 7.54 7.45
HH1 HMR A 21 -2.02 9.50 8.29
HH21 HMR A 21 1.22 10.54 9.15
HH22 HMR A 21 2.00 9.16 8.44
HC1 HMR A 21 -4.22 4.13 5.23
HC2 HMR A 21 -3.74 4.16 3.54
HH2 HMR A 21 -1.08 10.73 9.06
N HIS A 22 -3.28 1.77 3.29
CA HIS A 22 -3.21 0.34 3.06
C HIS A 22 -1.87 -0.22 3.51
N LYS A 23 -0.77 0.36 2.98
CA LYS A 23 0.58 -0.15 3.24
C LYS A 23 0.77 -0.34 4.73
N HMR A 24 0.33 0.66 5.49
CB HMR A 24 0.39 0.59 6.92
CC HMR A 24 0.61 2.00 7.48
CG HMR A 24 0.85 2.04 8.98
CD HMR A 24 0.65 3.44 9.52
NE HMR A 24 -0.73 3.88 9.43
CZ HMR A 24 -1.18 5.05 9.88
NH1 HMR A 24 -2.46 5.36 9.76
NH2 HMR A 24 -0.35 5.90 10.48
C HMR A 24 -0.93 -1.37 7.87
O HMR A 24 -0.56 -1.73 9.00
CA HMR A 24 -0.95 0.08 7.47
H HMR A 24 -0.05 1.46 5.06
HB HMR A 24 1.21 -0.11 7.17
HB2 HMR A 24 -0.26 2.60 7.26
HB3 HMR A 24 1.47 2.44 6.99
HG2 HMR A 24 1.86 1.72 9.17
HG3 HMR A 24 0.15 1.38 9.46
HD2 HMR A 24 1.28 4.12 8.97
HD3 HMR A 24 0.95 3.46 10.57
HE HMR A 24 -1.37 3.27 8.98
HH1 HMR A 24 -3.10 4.72 9.31
HH21 HMR A 24 0.62 5.67 10.58
HH22 HMR A 24 -0.69 6.77 10.83
HC1 HMR A 24 -1.21 0.66 8.33
HC2 HMR A 24 -1.70 0.20 6.72
HH2 HMR A 24 -2.81 6.24 10.11
N THR A 25 -1.32 -2.24 6.94
CA THR A 25 -1.44 -3.66 7.21
C THR A 25 -0.10 -4.37 7.14
N HIS A 26 0.82 -3.86 6.33
CA HIS A 26 2.13 -4.47 6.21
C HIS A 26 3.10 -3.81 7.18
CG B3T A 27 4.80 -0.64 7.18
OD1 B3T A 27 3.85 0.17 6.47
CD2 B3T A 27 5.78 -1.26 6.19
CA B3T A 27 4.06 -1.72 7.97
N B3T A 27 3.18 -2.49 7.10
CB B3T A 27 3.28 -1.10 9.12
C B3T A 27 4.00 -1.22 10.45
O B3T A 27 4.54 -2.28 10.78
HG B3T A 27 5.35 -0.02 7.86
HOD1 B3T A 27 3.95 1.09 6.75
H1D2 B3T A 27 6.27 -0.48 5.64
H2D2 B3T A 27 5.24 -1.89 5.50
H3D2 B3T A 27 6.50 -1.85 6.72
HA B3T A 27 4.80 -2.41 8.37
H B3T A 27 2.63 -2.01 6.45
HB1 B3T A 27 2.32 -1.58 9.21
HB2 B3T A 27 3.13 -0.05 8.91
N GLY A 28 4.00 -0.14 11.23
CA GLY A 28 4.65 -0.15 12.52
C GLY A 28 5.64 0.99 12.68
N GLU A 29 6.63 1.04 11.81
CA GLU A 29 7.62 2.11 11.83
C GLU A 29 7.35 3.11 10.71
N LYS A 30 6.81 2.60 9.61
CA LYS A 30 6.51 3.43 8.46
C LYS A 30 5.02 3.45 8.19
N NH2 A 31 4.32 4.41 8.77
HN1 NH2 A 31 4.81 5.04 9.34
HN2 NH2 A 31 3.36 4.44 8.62
ZN ZN B . -0.41 -4.38 0.18
N PRO A 1 -1.92 6.03 -11.06
CA PRO A 1 -2.24 5.36 -9.78
C PRO A 1 -0.97 4.82 -9.13
N PHE A 2 -1.12 4.24 -7.95
CA PHE A 2 0.00 3.69 -7.21
C PHE A 2 -0.30 2.24 -6.84
N 9KK A 3 0.67 1.32 -6.99
CE 9KK A 3 0.56 -4.49 -9.13
CD 9KK A 3 0.88 -3.01 -9.22
CG 9KK A 3 0.53 -2.32 -7.90
CB 9KK A 3 0.80 -0.83 -7.97
CA 9KK A 3 0.40 -0.10 -6.69
CM 9KK A 3 2.00 1.74 -7.44
C 9KK A 3 1.22 -0.62 -5.52
O 9KK A 3 2.42 -0.35 -5.38
HE3 9KK A 3 0.81 -4.97 -10.07
HE2 9KK A 3 1.13 -4.94 -8.34
HE1 9KK A 3 -0.50 -4.61 -8.94
HD2 9KK A 3 1.94 -2.89 -9.41
HD3 9KK A 3 0.30 -2.57 -10.02
HG2 9KK A 3 -0.51 -2.48 -7.69
HG3 9KK A 3 1.14 -2.75 -7.12
HB2 9KK A 3 1.86 -0.68 -8.15
HB3 9KK A 3 0.24 -0.41 -8.80
HA 9KK A 3 -0.64 -0.26 -6.49
HM1 9KK A 3 1.99 1.90 -8.51
HM3 9KK A 3 2.28 2.66 -6.95
HM2 9KK A 3 2.72 0.96 -7.20
N CYS A 4 0.56 -1.36 -4.65
CA CYS A 4 1.24 -2.01 -3.55
C CYS A 4 1.88 -3.31 -4.04
N THR A 5 3.14 -3.20 -4.44
CA THR A 5 3.88 -4.36 -4.94
C THR A 5 4.57 -5.09 -3.78
N TRP A 6 3.81 -5.39 -2.75
CA TRP A 6 4.33 -6.10 -1.59
C TRP A 6 4.29 -7.60 -1.87
N AIB A 7 5.17 -8.35 -1.21
CA AIB A 7 5.21 -9.81 -1.33
C AIB A 7 3.82 -10.40 -1.07
O AIB A 7 3.35 -10.45 0.07
CB1 AIB A 7 6.19 -10.35 -0.30
CB2 AIB A 7 5.73 -10.20 -2.70
H AIB A 7 5.81 -7.90 -0.62
HB11 AIB A 7 6.23 -11.43 -0.38
HB12 AIB A 7 5.87 -10.08 0.69
HB13 AIB A 7 7.17 -9.95 -0.48
HB21 AIB A 7 5.12 -9.75 -3.46
HB22 AIB A 7 5.71 -11.27 -2.80
HB23 AIB A 7 6.76 -9.85 -2.81
N GLY A 8 3.16 -10.84 -2.13
CA GLY A 8 1.86 -11.47 -1.98
C GLY A 8 0.71 -10.48 -2.00
N CYS A 9 0.99 -9.28 -2.48
CA CYS A 9 -0.02 -8.23 -2.55
C CYS A 9 -0.02 -7.60 -3.94
N GLY A 10 -1.10 -6.93 -4.29
CA GLY A 10 -1.19 -6.31 -5.60
C GLY A 10 -2.44 -5.46 -5.75
N LYS A 11 -2.59 -4.48 -4.86
CA LYS A 11 -3.73 -3.58 -4.90
C LYS A 11 -3.31 -2.20 -5.40
N MMO A 12 -4.14 -1.55 -6.22
CA MMO A 12 -3.80 -0.21 -6.71
C MMO A 12 -4.73 0.89 -6.19
O MMO A 12 -5.95 0.70 -6.09
CB MMO A 12 -3.89 -0.32 -8.24
CG MMO A 12 -2.74 -1.11 -8.85
CD MMO A 12 -2.87 -1.22 -10.35
NE MMO A 12 -3.97 -2.11 -10.75
CZ MMO A 12 -4.31 -2.33 -12.01
NH2 MMO A 12 -3.67 -1.74 -13.01
NH1 MMO A 12 -5.30 -3.18 -12.28
CN MMO A 12 -5.41 -2.17 -6.61
HA MMO A 12 -2.79 0.06 -6.44
HCB1 MMO A 12 -3.86 0.68 -8.66
HCB2 MMO A 12 -4.82 -0.79 -8.51
HCG1 MMO A 12 -2.74 -2.10 -8.42
HCG2 MMO A 12 -1.81 -0.61 -8.61
HCD1 MMO A 12 -1.95 -1.60 -10.75
HCD2 MMO A 12 -3.06 -0.24 -10.76
HH21 MMO A 12 -2.92 -1.10 -12.80
HH22 MMO A 12 -3.94 -1.92 -13.96
HH11 MMO A 12 -5.57 -3.36 -13.23
HC1 MMO A 12 -5.87 -2.64 -5.76
HC2 MMO A 12 -5.23 -2.92 -7.37
HC3 MMO A 12 -6.08 -1.41 -7.01
HE MMO A 12 -4.46 -2.56 -10.03
HH12 MMO A 12 -5.79 -3.64 -11.53
N PHE A 13 -4.14 2.01 -5.84
CA PHE A 13 -4.86 3.12 -5.24
C PHE A 13 -4.58 4.40 -6.01
N THR A 14 -5.55 5.28 -6.09
CA THR A 14 -5.39 6.50 -6.87
C THR A 14 -4.79 7.62 -6.01
N ARG A 15 -4.65 7.37 -4.72
CA ARG A 15 -4.03 8.33 -3.81
C ARG A 15 -2.85 7.71 -3.09
N SER A 16 -1.71 8.40 -3.14
CA SER A 16 -0.46 7.90 -2.57
C SER A 16 -0.59 7.75 -1.06
OE1 B3D A 17 1.26 10.38 0.99
CD B3D A 17 0.55 9.83 1.87
OE2 B3D A 17 1.02 9.29 2.90
CG B3D A 17 -0.95 9.86 1.70
CA B3D A 17 -1.51 8.61 1.00
N B3D A 17 -1.28 8.69 -0.43
CB B3D A 17 -2.99 8.54 1.29
C B3D A 17 -3.48 7.14 1.48
O B3D A 17 -3.16 6.47 2.47
HG3 B3D A 17 -1.22 10.73 1.12
HG2 B3D A 17 -1.41 9.94 2.68
HA B3D A 17 -1.01 7.68 1.33
H B3D A 17 -1.65 9.44 -0.93
HB1 B3D A 17 -3.19 9.10 2.19
HB2 B3D A 17 -3.55 8.98 0.47
N GLU A 18 -4.24 6.66 0.51
CA GLU A 18 -4.82 5.33 0.56
C GLU A 18 -3.78 4.25 0.34
N LEU A 19 -2.81 4.52 -0.52
CA LEU A 19 -1.76 3.56 -0.82
C LEU A 19 -0.88 3.32 0.41
N GLN A 20 -0.32 4.39 0.95
CA GLN A 20 0.60 4.28 2.07
C GLN A 20 -0.14 4.02 3.37
N HMR A 21 -1.27 4.66 3.56
CB HMR A 21 -2.03 4.49 4.76
CC HMR A 21 -2.29 5.88 5.36
CG HMR A 21 -1.06 6.79 5.31
CD HMR A 21 -1.41 8.22 5.67
NE HMR A 21 -0.33 9.13 5.33
CZ HMR A 21 -0.04 10.24 6.00
NH1 HMR A 21 -0.75 10.59 7.06
NH2 HMR A 21 0.98 11.01 5.61
C HMR A 21 -3.38 2.36 4.48
O HMR A 21 -3.48 1.70 5.53
CA HMR A 21 -3.40 3.86 4.50
H HMR A 21 -1.61 5.27 2.86
HB HMR A 21 -1.43 3.84 5.42
HB2 HMR A 21 -2.59 5.77 6.39
HB3 HMR A 21 -3.09 6.36 4.81
HG2 HMR A 21 -0.67 6.76 4.31
HG3 HMR A 21 -0.33 6.42 6.00
HD2 HMR A 21 -1.59 8.28 6.74
HD3 HMR A 21 -2.30 8.51 5.15
HE HMR A 21 0.21 8.91 4.53
HH1 HMR A 21 -1.52 10.02 7.37
HH21 HMR A 21 1.20 11.84 6.10
HH22 HMR A 21 1.52 10.75 4.80
HC1 HMR A 21 -4.09 4.19 5.27
HC2 HMR A 21 -3.76 4.20 3.54
HH2 HMR A 21 -0.52 11.43 7.57
N HIS A 22 -3.23 1.81 3.29
CA HIS A 22 -3.17 0.37 3.10
C HIS A 22 -1.82 -0.19 3.54
N LYS A 23 -0.73 0.36 3.00
CA LYS A 23 0.62 -0.14 3.27
C LYS A 23 0.83 -0.28 4.77
N HMR A 24 0.36 0.71 5.51
CB HMR A 24 0.44 0.69 6.94
CC HMR A 24 0.74 2.11 7.42
CG HMR A 24 0.91 2.26 8.93
CD HMR A 24 1.26 3.68 9.30
NE HMR A 24 1.47 3.84 10.73
CZ HMR A 24 2.19 4.82 11.28
NH1 HMR A 24 2.33 4.89 12.59
NH2 HMR A 24 2.80 5.72 10.50
C HMR A 24 -0.93 -1.21 7.95
O HMR A 24 -0.64 -1.55 9.09
CA HMR A 24 -0.90 0.25 7.54
H HMR A 24 -0.05 1.49 5.06
HB HMR A 24 1.23 -0.04 7.20
HB2 HMR A 24 -0.07 2.75 7.11
HB3 HMR A 24 1.65 2.45 6.96
HG2 HMR A 24 1.69 1.60 9.26
HG3 HMR A 24 -0.02 1.99 9.41
HD2 HMR A 24 0.46 4.34 8.98
HD3 HMR A 24 2.17 3.96 8.78
HE HMR A 24 1.04 3.19 11.33
HH1 HMR A 24 1.88 4.22 13.19
HH21 HMR A 24 2.69 5.66 9.51
HH22 HMR A 24 3.35 6.45 10.91
HC1 HMR A 24 -1.10 0.85 8.40
HC2 HMR A 24 -1.67 0.42 6.80
HH2 HMR A 24 2.88 5.62 13.01
N THR A 25 -1.29 -2.07 7.00
CA THR A 25 -1.48 -3.48 7.27
C THR A 25 -0.17 -4.26 7.19
N HIS A 26 0.76 -3.82 6.35
CA HIS A 26 2.04 -4.49 6.24
C HIS A 26 3.03 -3.88 7.22
CG B3T A 27 4.65 -0.73 7.41
OD1 B3T A 27 3.74 0.12 6.70
CD2 B3T A 27 5.64 -1.36 6.43
CA B3T A 27 3.87 -1.82 8.18
N B3T A 27 2.99 -2.55 7.29
CB B3T A 27 3.08 -1.18 9.33
C B3T A 27 3.85 -1.20 10.64
O B3T A 27 4.57 -2.16 10.93
HG B3T A 27 5.20 -0.14 8.12
HOD1 B3T A 27 3.14 -0.42 6.18
H1D2 B3T A 27 6.15 -0.58 5.89
H2D2 B3T A 27 5.11 -1.98 5.73
H3D2 B3T A 27 6.36 -1.96 6.97
HA B3T A 27 4.60 -2.50 8.59
H B3T A 27 2.36 -2.07 6.72
HB1 B3T A 27 2.16 -1.74 9.45
HB2 B3T A 27 2.86 -0.17 9.08
N GLY A 28 3.68 -0.15 11.43
CA GLY A 28 4.38 -0.05 12.71
C GLY A 28 5.81 0.40 12.54
N GLU A 29 6.62 -0.43 11.90
CA GLU A 29 8.04 -0.15 11.71
C GLU A 29 8.24 0.96 10.67
N LYS A 30 7.19 1.27 9.93
CA LYS A 30 7.24 2.31 8.93
C LYS A 30 5.92 3.06 8.88
N NH2 A 31 5.83 4.14 9.64
HN1 NH2 A 31 6.62 4.41 10.15
HN2 NH2 A 31 4.98 4.63 9.64
ZN ZN B . -0.40 -4.35 0.20
N PRO A 1 -1.83 5.76 -11.28
CA PRO A 1 -2.21 5.11 -10.01
C PRO A 1 -0.95 4.70 -9.24
N PHE A 2 -1.14 4.25 -8.01
CA PHE A 2 -0.04 3.81 -7.17
C PHE A 2 -0.27 2.37 -6.73
N 9KK A 3 0.76 1.51 -6.74
CE 9KK A 3 1.48 -4.44 -8.28
CD 9KK A 3 1.64 -2.95 -8.49
CG 9KK A 3 1.05 -2.20 -7.32
CB 9KK A 3 1.19 -0.70 -7.48
CA 9KK A 3 0.56 0.11 -6.35
CM 9KK A 3 2.10 1.99 -7.15
C 9KK A 3 1.22 -0.23 -5.01
O 9KK A 3 2.27 0.31 -4.65
HE3 9KK A 3 1.88 -4.97 -9.13
HE2 9KK A 3 2.03 -4.73 -7.39
HE1 9KK A 3 0.44 -4.69 -8.16
HD2 9KK A 3 2.69 -2.73 -8.59
HD3 9KK A 3 1.11 -2.69 -9.40
HG2 9KK A 3 0.00 -2.43 -7.23
HG3 9KK A 3 1.56 -2.50 -6.41
HB2 9KK A 3 2.25 -0.46 -7.54
HB3 9KK A 3 0.74 -0.41 -8.42
HA 9KK A 3 -0.48 -0.12 -6.28
HM1 9KK A 3 2.28 2.97 -6.74
HM3 9KK A 3 2.85 1.30 -6.77
HM2 9KK A 3 2.15 2.02 -8.23
N CYS A 4 0.57 -1.12 -4.28
CA CYS A 4 1.10 -1.62 -3.02
C CYS A 4 2.49 -2.23 -3.22
N THR A 5 2.60 -3.07 -4.26
CA THR A 5 3.87 -3.66 -4.68
C THR A 5 4.37 -4.71 -3.67
N TRP A 6 3.50 -5.09 -2.74
CA TRP A 6 3.80 -6.16 -1.82
C TRP A 6 3.59 -7.50 -2.52
N AIB A 7 4.54 -8.41 -2.33
CA AIB A 7 4.56 -9.68 -3.03
C AIB A 7 3.24 -10.45 -2.81
O AIB A 7 2.93 -10.84 -1.68
CB1 AIB A 7 5.72 -10.52 -2.51
CB2 AIB A 7 4.81 -9.45 -4.51
H AIB A 7 5.26 -8.19 -1.69
HB11 AIB A 7 5.58 -10.70 -1.46
HB12 AIB A 7 6.64 -9.98 -2.66
HB13 AIB A 7 5.75 -11.45 -3.04
HB21 AIB A 7 4.01 -8.84 -4.92
HB22 AIB A 7 4.85 -10.40 -5.02
HB23 AIB A 7 5.75 -8.93 -4.63
N GLY A 8 2.49 -10.65 -3.88
CA GLY A 8 1.29 -11.47 -3.80
C GLY A 8 0.07 -10.70 -3.29
N CYS A 9 0.22 -9.40 -3.13
CA CYS A 9 -0.89 -8.59 -2.64
C CYS A 9 -1.77 -8.12 -3.80
N GLY A 10 -1.17 -7.38 -4.72
CA GLY A 10 -1.90 -6.93 -5.89
C GLY A 10 -3.01 -5.94 -5.56
N LYS A 11 -2.61 -4.77 -5.06
CA LYS A 11 -3.56 -3.73 -4.70
C LYS A 11 -3.13 -2.39 -5.28
N MMO A 12 -4.04 -1.66 -5.95
CA MMO A 12 -3.70 -0.35 -6.53
C MMO A 12 -4.67 0.77 -6.11
O MMO A 12 -5.89 0.62 -6.14
CB MMO A 12 -3.77 -0.56 -8.05
CG MMO A 12 -2.70 -1.51 -8.58
CD MMO A 12 -2.83 -1.70 -10.08
NE MMO A 12 -4.14 -2.26 -10.44
CZ MMO A 12 -4.39 -2.88 -11.59
NH2 MMO A 12 -3.43 -3.03 -12.50
NH1 MMO A 12 -5.60 -3.34 -11.84
CN MMO A 12 -5.40 -2.21 -6.12
HA MMO A 12 -2.70 -0.05 -6.26
HCB1 MMO A 12 -3.64 0.40 -8.54
HCB2 MMO A 12 -4.73 -0.95 -8.30
HCG1 MMO A 12 -2.80 -2.46 -8.08
HCG2 MMO A 12 -1.72 -1.09 -8.37
HCD1 MMO A 12 -2.05 -2.37 -10.41
HCD2 MMO A 12 -2.72 -0.74 -10.56
HH21 MMO A 12 -2.51 -2.69 -12.32
HH22 MMO A 12 -3.63 -3.50 -13.37
HH11 MMO A 12 -5.80 -3.80 -12.70
HC1 MMO A 12 -5.37 -3.08 -6.75
HC2 MMO A 12 -6.04 -1.46 -6.58
HC3 MMO A 12 -5.81 -2.47 -5.15
HE MMO A 12 -4.87 -2.16 -9.79
HH12 MMO A 12 -6.34 -3.20 -11.17
N PHE A 13 -4.10 1.91 -5.73
CA PHE A 13 -4.88 3.03 -5.21
C PHE A 13 -4.59 4.28 -6.02
N THR A 14 -5.56 5.18 -6.09
CA THR A 14 -5.42 6.38 -6.89
C THR A 14 -4.91 7.55 -6.04
N ARG A 15 -4.63 7.28 -4.78
CA ARG A 15 -4.07 8.28 -3.87
C ARG A 15 -2.90 7.69 -3.11
N SER A 16 -1.74 8.32 -3.26
CA SER A 16 -0.50 7.84 -2.68
C SER A 16 -0.58 7.81 -1.17
OE1 B3D A 17 -1.86 10.80 3.46
CD B3D A 17 -0.89 10.27 2.86
OE2 B3D A 17 0.12 9.83 3.45
CG B3D A 17 -0.91 10.20 1.33
CA B3D A 17 -1.45 8.85 0.82
N B3D A 17 -1.26 8.79 -0.60
CB B3D A 17 -2.92 8.77 1.18
C B3D A 17 -3.39 7.39 1.53
O B3D A 17 -2.99 6.82 2.56
HG3 B3D A 17 0.09 10.35 0.97
HG2 B3D A 17 -1.54 10.99 0.97
HA B3D A 17 -0.91 7.99 1.23
H B3D A 17 -1.65 9.49 -1.17
HB1 B3D A 17 -3.11 9.43 2.02
HB2 B3D A 17 -3.51 9.12 0.33
N GLU A 18 -4.22 6.82 0.66
CA GLU A 18 -4.82 5.52 0.89
C GLU A 18 -3.84 4.40 0.55
N LEU A 19 -2.89 4.69 -0.33
CA LEU A 19 -1.87 3.73 -0.69
C LEU A 19 -0.93 3.51 0.49
N GLN A 20 -0.39 4.60 1.02
CA GLN A 20 0.52 4.51 2.16
C GLN A 20 -0.23 4.07 3.41
N HMR A 21 -1.33 4.75 3.71
CB HMR A 21 -2.10 4.43 4.87
CC HMR A 21 -2.53 5.73 5.57
CG HMR A 21 -1.42 6.75 5.74
CD HMR A 21 -0.34 6.28 6.71
NE HMR A 21 0.70 7.29 6.88
CZ HMR A 21 1.18 7.67 8.07
NH1 HMR A 21 0.72 7.14 9.19
NH2 HMR A 21 2.13 8.60 8.14
C HMR A 21 -3.26 2.21 4.40
O HMR A 21 -3.31 1.50 5.42
CA HMR A 21 -3.40 3.71 4.49
H HMR A 21 -1.62 5.49 3.12
HB HMR A 21 -1.47 3.78 5.52
HB2 HMR A 21 -2.92 5.49 6.55
HB3 HMR A 21 -3.32 6.19 4.99
HG2 HMR A 21 -1.85 7.67 6.11
HG3 HMR A 21 -0.96 6.92 4.77
HD2 HMR A 21 0.10 5.37 6.33
HD3 HMR A 21 -0.81 6.08 7.67
HE HMR A 21 1.07 7.71 6.07
HH1 HMR A 21 0.00 6.44 9.16
HH21 HMR A 21 2.49 8.89 9.04
HH22 HMR A 21 2.49 9.02 7.29
HC1 HMR A 21 -4.15 3.93 5.23
HC2 HMR A 21 -3.72 4.07 3.52
HH2 HMR A 21 1.08 7.43 10.08
N HIS A 22 -3.09 1.72 3.18
CA HIS A 22 -3.01 0.30 2.92
C HIS A 22 -1.66 -0.28 3.35
N LYS A 23 -0.56 0.26 2.83
CA LYS A 23 0.78 -0.27 3.12
C LYS A 23 0.96 -0.45 4.62
N HMR A 24 0.59 0.58 5.37
CB HMR A 24 0.66 0.52 6.80
CC HMR A 24 1.14 1.86 7.36
CG HMR A 24 1.21 1.90 8.88
CD HMR A 24 1.81 3.19 9.38
NE HMR A 24 1.71 3.31 10.83
CZ HMR A 24 2.23 4.31 11.54
NH1 HMR A 24 2.08 4.34 12.86
NH2 HMR A 24 2.89 5.29 10.94
C HMR A 24 -0.94 -1.19 7.79
O HMR A 24 -0.68 -1.54 8.95
CA HMR A 24 -0.74 0.24 7.35
H HMR A 24 0.26 1.41 4.94
HB HMR A 24 1.33 -0.33 7.03
HB2 HMR A 24 0.47 2.63 7.03
HB3 HMR A 24 2.13 2.05 6.98
HG2 HMR A 24 1.81 1.07 9.22
HG3 HMR A 24 0.21 1.80 9.27
HD2 HMR A 24 1.29 4.01 8.92
HD3 HMR A 24 2.85 3.21 9.10
HE HMR A 24 1.23 2.59 11.31
HH1 HMR A 24 1.57 3.61 13.32
HH21 HMR A 24 3.01 5.28 9.94
HH22 HMR A 24 3.29 6.05 11.47
HC1 HMR A 24 -0.93 0.88 8.19
HC2 HMR A 24 -1.47 0.45 6.58
HH2 HMR A 24 2.46 5.09 13.39
N THR A 25 -1.39 -2.03 6.87
CA THR A 25 -1.72 -3.41 7.19
C THR A 25 -0.49 -4.32 7.10
N HIS A 26 0.50 -3.93 6.30
CA HIS A 26 1.73 -4.71 6.18
C HIS A 26 2.77 -4.18 7.17
CG B3T A 27 5.22 -1.70 7.11
OD1 B3T A 27 4.74 -0.74 6.14
CD2 B3T A 27 5.96 -2.81 6.40
CA B3T A 27 4.04 -2.24 7.92
N B3T A 27 3.06 -2.89 7.05
CB B3T A 27 3.37 -1.14 8.73
C B3T A 27 4.04 -0.88 10.07
O B3T A 27 5.26 -0.87 10.17
HG B3T A 27 5.90 -1.20 7.79
HOD1 B3T A 27 4.51 0.08 6.60
H1D2 B3T A 27 5.29 -3.33 5.73
H2D2 B3T A 27 6.36 -3.50 7.12
H3D2 B3T A 27 6.77 -2.39 5.82
HA B3T A 27 4.44 -2.98 8.58
H B3T A 27 2.60 -2.35 6.37
HB1 B3T A 27 2.34 -1.41 8.91
HB2 B3T A 27 3.40 -0.22 8.17
N GLY A 28 3.23 -0.68 11.11
CA GLY A 28 3.76 -0.45 12.44
C GLY A 28 4.55 0.83 12.55
N GLU A 29 5.87 0.72 12.47
CA GLU A 29 6.75 1.89 12.53
C GLU A 29 6.82 2.58 11.17
N LYS A 30 6.66 1.80 10.11
CA LYS A 30 6.79 2.33 8.76
C LYS A 30 5.41 2.59 8.16
N NH2 A 31 4.90 3.78 8.40
HN1 NH2 A 31 5.42 4.41 8.96
HN2 NH2 A 31 4.03 4.00 8.02
ZN ZN B . -0.69 -4.69 0.13
N PRO A 1 -2.34 4.77 -11.79
CA PRO A 1 -2.70 4.59 -10.36
C PRO A 1 -1.48 4.20 -9.55
N PHE A 2 -1.55 4.38 -8.24
CA PHE A 2 -0.45 4.07 -7.35
C PHE A 2 -0.50 2.60 -6.98
N 9KK A 3 0.65 1.92 -6.91
CE 9KK A 3 1.49 -2.27 -9.91
CD 9KK A 3 1.42 -0.78 -10.19
CG 9KK A 3 0.67 -0.06 -9.09
CB 9KK A 3 1.39 -0.16 -7.76
CA 9KK A 3 0.64 0.48 -6.59
CM 9KK A 3 1.92 2.62 -7.15
C 9KK A 3 1.32 0.15 -5.27
O 9KK A 3 2.25 0.83 -4.84
HE3 9KK A 3 0.49 -2.66 -9.81
HE2 9KK A 3 2.00 -2.77 -10.72
HE1 9KK A 3 2.03 -2.44 -8.98
HD2 9KK A 3 2.43 -0.39 -10.26
HD3 9KK A 3 0.91 -0.63 -11.14
HG2 9KK A 3 0.58 0.98 -9.35
HG3 9KK A 3 -0.31 -0.50 -8.99
HB2 9KK A 3 1.53 -1.21 -7.52
HB3 9KK A 3 2.36 0.31 -7.86
HA 9KK A 3 -0.37 0.10 -6.57
HM1 9KK A 3 2.74 2.01 -6.78
HM3 9KK A 3 2.06 2.78 -8.21
HM2 9KK A 3 1.92 3.56 -6.64
N CYS A 4 0.83 -0.89 -4.62
CA CYS A 4 1.48 -1.41 -3.43
C CYS A 4 2.76 -2.12 -3.84
N THR A 5 2.64 -3.12 -4.70
CA THR A 5 3.80 -3.86 -5.21
C THR A 5 4.61 -4.45 -4.04
N TRP A 6 3.90 -4.95 -3.05
CA TRP A 6 4.51 -5.66 -1.94
C TRP A 6 4.56 -7.14 -2.30
N AIB A 7 5.40 -7.90 -1.61
CA AIB A 7 5.51 -9.34 -1.85
C AIB A 7 4.13 -10.00 -1.76
O AIB A 7 3.57 -10.14 -0.66
CB1 AIB A 7 6.43 -9.94 -0.79
CB2 AIB A 7 6.16 -9.59 -3.20
H AIB A 7 5.96 -7.48 -0.93
HB11 AIB A 7 6.53 -10.99 -0.96
HB12 AIB A 7 6.02 -9.77 0.19
HB13 AIB A 7 7.40 -9.47 -0.85
HB21 AIB A 7 5.57 -9.11 -3.96
HB22 AIB A 7 6.19 -10.65 -3.39
HB23 AIB A 7 7.16 -9.20 -3.20
N GLY A 8 3.57 -10.38 -2.90
CA GLY A 8 2.28 -11.05 -2.92
C GLY A 8 1.10 -10.11 -2.82
N CYS A 9 1.35 -8.83 -3.02
CA CYS A 9 0.31 -7.83 -2.89
C CYS A 9 0.46 -6.71 -3.92
N GLY A 10 -0.15 -6.89 -5.08
CA GLY A 10 -0.08 -5.88 -6.13
C GLY A 10 -1.31 -5.00 -6.17
N LYS A 11 -1.76 -4.58 -4.99
CA LYS A 11 -2.94 -3.73 -4.85
C LYS A 11 -2.74 -2.37 -5.52
N MMO A 12 -3.82 -1.78 -6.08
CA MMO A 12 -3.72 -0.44 -6.68
C MMO A 12 -4.67 0.58 -6.05
O MMO A 12 -5.82 0.27 -5.69
CB MMO A 12 -4.08 -0.64 -8.15
CG MMO A 12 -3.06 -1.50 -8.91
CD MMO A 12 -3.42 -1.60 -10.38
NE MMO A 12 -4.70 -2.27 -10.59
CZ MMO A 12 -5.41 -2.20 -11.72
NH2 MMO A 12 -4.98 -1.48 -12.73
NH1 MMO A 12 -6.56 -2.86 -11.81
CN MMO A 12 -5.12 -2.50 -6.08
HA MMO A 12 -2.72 -0.05 -6.60
HCB1 MMO A 12 -4.13 0.32 -8.64
HCB2 MMO A 12 -5.04 -1.13 -8.22
HCG1 MMO A 12 -3.05 -2.48 -8.48
HCG2 MMO A 12 -2.09 -1.04 -8.82
HCD1 MMO A 12 -2.64 -2.15 -10.89
HCD2 MMO A 12 -3.48 -0.60 -10.79
HH21 MMO A 12 -4.12 -0.97 -12.67
HH22 MMO A 12 -5.52 -1.42 -13.57
HH11 MMO A 12 -7.10 -2.80 -12.65
HC1 MMO A 12 -5.32 -2.87 -5.09
HC2 MMO A 12 -5.07 -3.32 -6.79
HC3 MMO A 12 -5.90 -1.82 -6.38
HE MMO A 12 -5.04 -2.81 -9.84
HH12 MMO A 12 -6.90 -3.42 -11.05
N PHE A 13 -4.20 1.80 -5.90
CA PHE A 13 -4.95 2.86 -5.24
C PHE A 13 -4.87 4.16 -6.02
N THR A 14 -5.76 5.08 -5.68
CA THR A 14 -5.89 6.34 -6.41
C THR A 14 -4.96 7.41 -5.86
N ARG A 15 -4.70 7.37 -4.56
CA ARG A 15 -3.82 8.36 -3.94
C ARG A 15 -2.64 7.68 -3.26
N SER A 16 -1.49 8.34 -3.34
CA SER A 16 -0.25 7.82 -2.78
C SER A 16 -0.33 7.72 -1.26
OE1 B3D A 17 -1.38 10.19 3.61
CD B3D A 17 -0.44 9.77 2.91
OE2 B3D A 17 0.61 9.29 3.40
CG B3D A 17 -0.56 9.86 1.40
CA B3D A 17 -1.23 8.62 0.77
N B3D A 17 -1.05 8.65 -0.65
CB B3D A 17 -2.71 8.67 1.15
C B3D A 17 -3.30 7.31 1.36
O B3D A 17 -3.01 6.64 2.36
HG3 B3D A 17 0.43 9.98 0.98
HG2 B3D A 17 -1.15 10.74 1.15
HA B3D A 17 -0.78 7.67 1.13
H B3D A 17 -1.48 9.36 -1.18
HB1 B3D A 17 -2.83 9.25 2.05
HB2 B3D A 17 -3.26 9.16 0.35
N GLU A 18 -4.12 6.89 0.40
CA GLU A 18 -4.76 5.58 0.44
C GLU A 18 -3.71 4.47 0.36
N LEU A 19 -2.73 4.67 -0.51
CA LEU A 19 -1.69 3.69 -0.72
C LEU A 19 -0.85 3.52 0.56
N GLN A 20 -0.28 4.63 1.04
CA GLN A 20 0.58 4.59 2.21
C GLN A 20 -0.19 4.14 3.45
N HMR A 21 -1.32 4.78 3.73
CB HMR A 21 -2.09 4.40 4.87
CC HMR A 21 -2.33 5.65 5.74
CG HMR A 21 -1.04 6.32 6.18
CD HMR A 21 -1.28 7.52 7.07
NE HMR A 21 -0.03 8.16 7.45
CZ HMR A 21 0.17 8.81 8.59
NH1 HMR A 21 -0.82 8.92 9.48
NH2 HMR A 21 1.35 9.34 8.86
C HMR A 21 -3.45 2.35 4.40
O HMR A 21 -3.73 1.66 5.38
CA HMR A 21 -3.46 3.86 4.47
H HMR A 21 -1.62 5.50 3.14
HB HMR A 21 -1.51 3.63 5.41
HB2 HMR A 21 -2.88 5.36 6.62
HB3 HMR A 21 -2.91 6.37 5.17
HG2 HMR A 21 -0.49 6.64 5.29
HG3 HMR A 21 -0.44 5.60 6.71
HD2 HMR A 21 -1.79 7.19 7.96
HD3 HMR A 21 -1.90 8.23 6.53
HE HMR A 21 0.72 8.12 6.80
HH1 HMR A 21 -1.71 8.51 9.29
HH21 HMR A 21 1.51 9.83 9.72
HH22 HMR A 21 2.10 9.25 8.19
HC1 HMR A 21 -4.19 4.16 5.19
HC2 HMR A 21 -3.72 4.25 3.50
HH2 HMR A 21 -0.67 9.41 10.34
N HIS A 22 -3.12 1.86 3.21
CA HIS A 22 -3.03 0.42 2.97
C HIS A 22 -1.73 -0.15 3.52
N LYS A 23 -0.59 0.43 3.10
CA LYS A 23 0.74 -0.05 3.53
C LYS A 23 0.75 -0.30 5.02
N HMR A 24 0.28 0.67 5.77
CB HMR A 24 0.19 0.53 7.19
CC HMR A 24 0.37 1.91 7.84
CG HMR A 24 0.33 1.92 9.35
CD HMR A 24 0.63 3.30 9.89
NE HMR A 24 0.49 3.37 11.34
CZ HMR A 24 0.67 4.49 12.05
NH1 HMR A 24 0.52 4.47 13.36
NH2 HMR A 24 1.01 5.62 11.44
C HMR A 24 -1.17 -1.50 7.92
O HMR A 24 -0.86 -1.90 9.04
CA HMR A 24 -1.18 -0.01 7.59
H HMR A 24 -0.03 1.51 5.34
HB HMR A 24 0.99 -0.18 7.48
HB2 HMR A 24 -0.42 2.56 7.48
HB3 HMR A 24 1.33 2.32 7.52
HG2 HMR A 24 1.07 1.23 9.73
HG3 HMR A 24 -0.65 1.61 9.67
HD2 HMR A 24 -0.07 4.00 9.43
HD3 HMR A 24 1.64 3.57 9.62
HE HMR A 24 0.25 2.54 11.82
HH1 HMR A 24 0.27 3.63 13.83
HH21 HMR A 24 1.12 5.64 10.44
HH22 HMR A 24 1.15 6.46 11.96
HC1 HMR A 24 -1.53 0.53 8.45
HC2 HMR A 24 -1.87 0.14 6.77
HH2 HMR A 24 0.66 5.31 13.89
N THR A 25 -1.52 -2.31 6.92
CA THR A 25 -1.66 -3.74 7.11
C THR A 25 -0.31 -4.44 7.08
N HIS A 26 0.61 -3.95 6.27
CA HIS A 26 1.93 -4.56 6.16
C HIS A 26 2.80 -4.08 7.31
CG B3T A 27 4.50 -1.04 8.04
OD1 B3T A 27 3.70 -0.01 7.44
CD2 B3T A 27 5.49 -1.58 7.02
CA B3T A 27 3.60 -2.16 8.57
N B3T A 27 2.81 -2.77 7.51
CB B3T A 27 2.66 -1.61 9.65
C B3T A 27 3.24 -1.71 11.05
O B3T A 27 4.33 -2.26 11.24
HG B3T A 27 5.05 -0.62 8.87
HOD1 B3T A 27 3.66 0.74 8.05
H1D2 B3T A 27 6.10 -2.34 7.48
H2D2 B3T A 27 6.10 -0.78 6.65
H3D2 B3T A 27 4.95 -2.03 6.19
HA B3T A 27 4.23 -2.91 9.00
H B3T A 27 2.29 -2.18 6.91
HB1 B3T A 27 1.74 -2.17 9.63
HB2 B3T A 27 2.45 -0.57 9.45
N GLY A 28 2.53 -1.16 12.03
CA GLY A 28 3.01 -1.19 13.40
C GLY A 28 4.00 -0.09 13.68
N GLU A 29 5.27 -0.33 13.37
CA GLU A 29 6.31 0.64 13.65
C GLU A 29 6.32 1.75 12.62
N LYS A 30 6.16 1.38 11.35
CA LYS A 30 6.10 2.36 10.28
C LYS A 30 4.66 2.74 9.98
N NH2 A 31 4.20 3.80 10.62
HN1 NH2 A 31 4.80 4.27 11.22
HN2 NH2 A 31 3.27 4.07 10.45
ZN ZN B . -0.18 -4.30 0.03
N PRO A 1 -1.58 5.72 -11.58
CA PRO A 1 -2.08 5.18 -10.30
C PRO A 1 -0.92 4.61 -9.49
N PHE A 2 -1.17 4.39 -8.20
CA PHE A 2 -0.13 3.90 -7.30
C PHE A 2 -0.41 2.45 -6.95
N 9KK A 3 0.61 1.58 -6.96
CE 9KK A 3 1.18 -4.28 -8.91
CD 9KK A 3 1.25 -2.77 -9.06
CG 9KK A 3 0.77 -2.09 -7.80
CB 9KK A 3 0.92 -0.58 -7.88
CA 9KK A 3 0.39 0.16 -6.64
CM 9KK A 3 1.97 2.06 -7.30
C 9KK A 3 1.12 -0.29 -5.39
O 9KK A 3 2.21 0.18 -5.07
HE3 9KK A 3 1.82 -4.58 -8.09
HE2 9KK A 3 0.17 -4.57 -8.70
HE1 9KK A 3 1.51 -4.74 -9.82
HD2 9KK A 3 2.27 -2.49 -9.27
HD3 9KK A 3 0.61 -2.48 -9.88
HG2 9KK A 3 -0.27 -2.33 -7.63
HG3 9KK A 3 1.37 -2.44 -6.97
HB2 9KK A 3 1.97 -0.35 -8.01
HB3 9KK A 3 0.38 -0.23 -8.75
HA 9KK A 3 -0.66 -0.04 -6.54
HM1 9KK A 3 2.03 2.26 -8.36
HM3 9KK A 3 2.17 2.97 -6.76
HM2 9KK A 3 2.69 1.31 -7.03
N CYS A 4 0.49 -1.20 -4.65
CA CYS A 4 1.07 -1.76 -3.45
C CYS A 4 2.40 -2.47 -3.75
N THR A 5 2.46 -3.14 -4.91
CA THR A 5 3.66 -3.82 -5.41
C THR A 5 4.18 -4.91 -4.47
N TRP A 6 3.33 -5.37 -3.56
CA TRP A 6 3.70 -6.43 -2.65
C TRP A 6 3.36 -7.78 -3.27
N AIB A 7 4.36 -8.66 -3.30
CA AIB A 7 4.22 -10.00 -3.89
C AIB A 7 3.01 -10.73 -3.29
O AIB A 7 2.99 -11.06 -2.10
CB1 AIB A 7 5.48 -10.80 -3.61
CB2 AIB A 7 4.08 -9.88 -5.40
H AIB A 7 5.22 -8.41 -2.90
HB11 AIB A 7 6.32 -10.29 -4.02
HB12 AIB A 7 5.39 -11.77 -4.06
HB13 AIB A 7 5.60 -10.91 -2.54
HB21 AIB A 7 4.97 -9.42 -5.81
HB22 AIB A 7 3.22 -9.27 -5.64
HB23 AIB A 7 3.96 -10.87 -5.83
N GLY A 8 1.99 -10.96 -4.11
CA GLY A 8 0.83 -11.72 -3.66
C GLY A 8 -0.35 -10.85 -3.28
N CYS A 9 -0.10 -9.56 -3.12
CA CYS A 9 -1.15 -8.64 -2.70
C CYS A 9 -1.96 -8.15 -3.90
N GLY A 10 -1.29 -7.49 -4.84
CA GLY A 10 -1.93 -7.06 -6.06
C GLY A 10 -3.08 -6.10 -5.83
N LYS A 11 -2.76 -4.92 -5.32
CA LYS A 11 -3.77 -3.91 -5.04
C LYS A 11 -3.30 -2.53 -5.51
N MMO A 12 -4.17 -1.77 -6.21
CA MMO A 12 -3.81 -0.40 -6.64
C MMO A 12 -4.72 0.68 -6.06
O MMO A 12 -5.87 0.43 -5.67
CB MMO A 12 -3.91 -0.43 -8.17
CG MMO A 12 -2.86 -1.32 -8.84
CD MMO A 12 -2.85 -1.13 -10.35
NE MMO A 12 -1.88 -1.99 -11.00
CZ MMO A 12 -1.17 -1.66 -12.08
NH2 MMO A 12 -1.32 -0.45 -12.63
NH1 MMO A 12 -0.31 -2.51 -12.61
CN MMO A 12 -5.50 -2.32 -6.54
HA MMO A 12 -2.79 -0.18 -6.36
HCB1 MMO A 12 -3.79 0.57 -8.54
HCB2 MMO A 12 -4.88 -0.79 -8.46
HCG1 MMO A 12 -3.07 -2.35 -8.61
HCG2 MMO A 12 -1.89 -1.05 -8.45
HCD1 MMO A 12 -2.60 -0.10 -10.56
HCD2 MMO A 12 -3.83 -1.35 -10.73
HH21 MMO A 12 -1.97 0.21 -12.23
HH22 MMO A 12 -0.79 -0.20 -13.44
HH11 MMO A 12 0.22 -2.26 -13.43
HC1 MMO A 12 -5.40 -3.13 -7.24
HC2 MMO A 12 -6.11 -1.54 -6.97
HC3 MMO A 12 -5.98 -2.68 -5.64
HE MMO A 12 -1.74 -2.89 -10.62
HH12 MMO A 12 -0.19 -3.42 -12.20
N PHE A 13 -4.19 1.88 -6.00
CA PHE A 13 -4.87 3.02 -5.39
C PHE A 13 -4.65 4.26 -6.24
N THR A 14 -5.56 5.22 -6.13
CA THR A 14 -5.45 6.45 -6.89
C THR A 14 -4.85 7.56 -6.04
N ARG A 15 -4.69 7.28 -4.74
CA ARG A 15 -4.08 8.22 -3.82
C ARG A 15 -2.87 7.60 -3.14
N SER A 16 -1.74 8.28 -3.23
CA SER A 16 -0.50 7.80 -2.66
C SER A 16 -0.57 7.81 -1.13
OE1 B3D A 17 0.94 10.85 -0.06
CD B3D A 17 0.54 10.52 1.09
OE2 B3D A 17 1.31 10.40 2.06
CG B3D A 17 -0.95 10.29 1.32
CA B3D A 17 -1.42 8.89 0.84
N B3D A 17 -1.26 8.79 -0.58
CB B3D A 17 -2.89 8.77 1.22
C B3D A 17 -3.33 7.36 1.50
O B3D A 17 -2.94 6.75 2.49
HG3 B3D A 17 -1.49 11.04 0.78
HG2 B3D A 17 -1.15 10.39 2.37
HA B3D A 17 -0.84 8.07 1.27
H B3D A 17 -1.65 9.49 -1.16
HB1 B3D A 17 -3.07 9.37 2.10
HB2 B3D A 17 -3.49 9.16 0.41
N GLU A 18 -4.13 6.82 0.58
CA GLU A 18 -4.70 5.50 0.72
C GLU A 18 -3.66 4.41 0.52
N LEU A 19 -2.72 4.63 -0.39
CA LEU A 19 -1.67 3.66 -0.64
C LEU A 19 -0.80 3.51 0.61
N GLN A 20 -0.37 4.64 1.17
CA GLN A 20 0.46 4.64 2.36
C GLN A 20 -0.31 4.09 3.56
N HMR A 21 -1.43 4.74 3.88
CB HMR A 21 -2.23 4.31 5.00
CC HMR A 21 -2.64 5.52 5.84
CG HMR A 21 -1.47 6.29 6.42
CD HMR A 21 -1.94 7.48 7.25
NE HMR A 21 -0.82 8.20 7.86
CZ HMR A 21 -0.94 9.36 8.50
NH1 HMR A 21 -2.13 9.93 8.63
NH2 HMR A 21 0.13 9.93 9.04
C HMR A 21 -3.44 2.17 4.39
O HMR A 21 -3.77 1.41 5.31
CA HMR A 21 -3.54 3.66 4.52
H HMR A 21 -1.72 5.52 3.35
HB HMR A 21 -1.62 3.58 5.56
HB2 HMR A 21 -3.26 5.19 6.65
HB3 HMR A 21 -3.21 6.20 5.23
HG2 HMR A 21 -0.85 6.65 5.61
HG3 HMR A 21 -0.89 5.63 7.05
HD2 HMR A 21 -2.59 7.12 8.04
HD3 HMR A 21 -2.48 8.16 6.61
HE HMR A 21 0.07 7.79 7.77
HH1 HMR A 21 -2.95 9.50 8.24
HH21 HMR A 21 0.04 10.81 9.53
HH22 HMR A 21 1.03 9.50 8.95
HC1 HMR A 21 -4.31 3.90 5.22
HC2 HMR A 21 -3.79 4.07 3.55
HH2 HMR A 21 -2.22 10.80 9.12
N HIS A 22 -2.99 1.73 3.23
CA HIS A 22 -2.87 0.33 2.92
C HIS A 22 -1.56 -0.25 3.45
N LYS A 23 -0.43 0.35 3.05
CA LYS A 23 0.88 -0.15 3.45
C LYS A 23 0.96 -0.35 4.95
N HMR A 24 0.55 0.67 5.69
CB HMR A 24 0.54 0.59 7.13
CC HMR A 24 0.97 1.95 7.70
CG HMR A 24 1.06 1.99 9.22
CD HMR A 24 1.63 3.32 9.69
NE HMR A 24 1.65 3.43 11.15
CZ HMR A 24 2.41 4.29 11.82
NH1 HMR A 24 2.34 4.34 13.14
NH2 HMR A 24 3.22 5.12 11.17
C HMR A 24 -1.07 -1.18 7.98
O HMR A 24 -0.99 -1.58 9.14
CA HMR A 24 -0.86 0.28 7.64
H HMR A 24 0.24 1.49 5.25
HB HMR A 24 1.23 -0.23 7.39
HB2 HMR A 24 0.27 2.69 7.38
HB3 HMR A 24 1.95 2.19 7.30
HG2 HMR A 24 1.70 1.19 9.56
HG3 HMR A 24 0.07 1.86 9.64
HD2 HMR A 24 1.03 4.12 9.28
HD3 HMR A 24 2.64 3.41 9.33
HE HMR A 24 1.06 2.81 11.65
HH1 HMR A 24 1.73 3.73 13.64
HH21 HMR A 24 3.26 5.10 10.17
HH22 HMR A 24 3.79 5.77 11.67
HC1 HMR A 24 -1.05 0.86 8.52
HC2 HMR A 24 -1.58 0.55 6.88
HH2 HMR A 24 2.91 4.99 13.65
N THR A 25 -1.33 -1.98 6.95
CA THR A 25 -1.64 -3.39 7.14
C THR A 25 -0.37 -4.25 7.10
N HIS A 26 0.49 -4.00 6.11
CA HIS A 26 1.71 -4.80 5.97
C HIS A 26 2.72 -4.40 7.02
CG B3T A 27 4.51 -1.44 7.73
OD1 B3T A 27 3.66 -0.44 7.14
CD2 B3T A 27 5.46 -1.97 6.67
CA B3T A 27 3.66 -2.56 8.32
N B3T A 27 2.74 -3.10 7.32
CB B3T A 27 2.88 -2.08 9.54
C B3T A 27 3.61 -2.38 10.84
O B3T A 27 4.75 -2.84 10.83
HG B3T A 27 5.09 -0.98 8.51
HOD1 B3T A 27 3.02 -0.86 6.56
H1D2 B3T A 27 4.90 -2.45 5.89
H2D2 B3T A 27 6.14 -2.68 7.12
H3D2 B3T A 27 6.04 -1.15 6.25
HA B3T A 27 4.33 -3.36 8.62
H B3T A 27 2.12 -2.50 6.87
HB1 B3T A 27 1.92 -2.56 9.57
HB2 B3T A 27 2.74 -1.01 9.47
N GLY A 28 2.94 -2.12 11.96
CA GLY A 28 3.55 -2.35 13.26
C GLY A 28 4.53 -1.26 13.61
N GLU A 29 4.27 -0.06 13.08
CA GLU A 29 5.13 1.10 13.27
C GLU A 29 6.58 0.79 12.88
N LYS A 30 6.77 0.39 11.63
CA LYS A 30 8.09 0.10 11.13
C LYS A 30 8.46 1.09 10.02
N NH2 A 31 8.59 2.34 10.39
HN1 NH2 A 31 8.44 2.56 11.34
HN2 NH2 A 31 8.83 3.00 9.72
ZN ZN B . -0.64 -4.67 -0.09
N PRO A 1 -3.11 4.11 -10.65
CA PRO A 1 -1.89 4.95 -10.58
C PRO A 1 -0.83 4.32 -9.70
N PHE A 2 -1.13 4.19 -8.41
CA PHE A 2 -0.18 3.63 -7.47
C PHE A 2 -0.50 2.16 -7.22
N 9KK A 3 0.49 1.27 -7.23
CE 9KK A 3 0.19 -4.56 -9.30
CD 9KK A 3 0.50 -3.08 -9.45
CG 9KK A 3 0.23 -2.37 -8.14
CB 9KK A 3 0.52 -0.89 -8.23
CA 9KK A 3 0.23 -0.14 -6.92
CM 9KK A 3 1.87 1.70 -7.59
C 9KK A 3 1.10 -0.70 -5.80
O 9KK A 3 2.33 -0.54 -5.79
HE3 9KK A 3 -0.85 -4.68 -9.02
HE2 9KK A 3 0.37 -5.05 -10.25
HE1 9KK A 3 0.82 -4.98 -8.55
HD2 9KK A 3 1.54 -2.97 -9.72
HD3 9KK A 3 -0.12 -2.66 -10.22
HG2 9KK A 3 -0.82 -2.51 -7.87
HG3 9KK A 3 0.86 -2.80 -7.37
HB2 9KK A 3 1.56 -0.76 -8.49
HB3 9KK A 3 -0.09 -0.46 -9.02
HA 9KK A 3 -0.81 -0.29 -6.65
HM1 9KK A 3 2.15 2.54 -6.97
HM3 9KK A 3 2.55 0.88 -7.41
HM2 9KK A 3 1.90 1.99 -8.63
N CYS A 4 0.47 -1.36 -4.86
CA CYS A 4 1.19 -2.02 -3.79
C CYS A 4 1.59 -3.42 -4.23
N THR A 5 2.80 -3.55 -4.76
CA THR A 5 3.29 -4.83 -5.23
C THR A 5 4.08 -5.54 -4.12
N TRP A 6 3.53 -5.50 -2.91
CA TRP A 6 4.14 -6.14 -1.76
C TRP A 6 4.05 -7.65 -1.93
N AIB A 7 4.91 -8.37 -1.20
CA AIB A 7 4.93 -9.84 -1.21
C AIB A 7 3.51 -10.38 -0.91
O AIB A 7 2.99 -10.20 0.19
CB1 AIB A 7 5.88 -10.32 -0.15
CB2 AIB A 7 5.43 -10.34 -2.54
H AIB A 7 5.56 -7.89 -0.65
HB11 AIB A 7 6.88 -9.96 -0.36
HB12 AIB A 7 5.90 -11.40 -0.14
HB13 AIB A 7 5.57 -9.96 0.82
HB21 AIB A 7 4.80 -9.97 -3.34
HB22 AIB A 7 5.42 -11.43 -2.55
HB23 AIB A 7 6.45 -9.99 -2.71
N GLY A 8 2.90 -11.01 -1.91
CA GLY A 8 1.59 -11.60 -1.72
C GLY A 8 0.47 -10.58 -1.87
N CYS A 9 0.83 -9.38 -2.28
CA CYS A 9 -0.15 -8.31 -2.44
C CYS A 9 -0.22 -7.88 -3.91
N GLY A 10 -1.02 -6.87 -4.17
CA GLY A 10 -1.21 -6.41 -5.53
C GLY A 10 -2.46 -5.57 -5.67
N LYS A 11 -2.54 -4.53 -4.86
CA LYS A 11 -3.71 -3.66 -4.84
C LYS A 11 -3.37 -2.31 -5.47
N MMO A 12 -4.30 -1.71 -6.23
CA MMO A 12 -4.03 -0.41 -6.86
C MMO A 12 -4.86 0.72 -6.25
O MMO A 12 -6.05 0.57 -5.95
CB MMO A 12 -4.38 -0.62 -8.34
CG MMO A 12 -3.47 -1.59 -9.06
CD MMO A 12 -3.88 -1.78 -10.51
NE MMO A 12 -3.07 -2.81 -11.18
CZ MMO A 12 -2.89 -2.88 -12.49
NH2 MMO A 12 -3.46 -2.00 -13.29
NH1 MMO A 12 -2.14 -3.85 -13.00
CN MMO A 12 -5.61 -2.38 -6.43
HA MMO A 12 -3.00 -0.15 -6.77
HCB1 MMO A 12 -4.30 0.34 -8.85
HCB2 MMO A 12 -5.40 -0.97 -8.43
HCG1 MMO A 12 -3.51 -2.54 -8.56
HCG2 MMO A 12 -2.46 -1.22 -9.03
HCD1 MMO A 12 -3.75 -0.85 -11.03
HCD2 MMO A 12 -4.92 -2.07 -10.55
HH21 MMO A 12 -4.03 -1.27 -12.92
HH22 MMO A 12 -3.31 -2.05 -14.29
HH11 MMO A 12 -2.00 -3.91 -14.00
HC1 MMO A 12 -6.32 -1.65 -6.80
HC2 MMO A 12 -5.96 -2.78 -5.49
HC3 MMO A 12 -5.51 -3.18 -7.14
HE MMO A 12 -2.65 -3.49 -10.61
HH12 MMO A 12 -1.71 -4.53 -12.40
N PHE A 13 -4.21 1.86 -6.08
CA PHE A 13 -4.81 3.02 -5.44
C PHE A 13 -4.58 4.26 -6.30
N THR A 14 -5.47 5.23 -6.18
CA THR A 14 -5.33 6.47 -6.93
C THR A 14 -4.81 7.60 -6.04
N ARG A 15 -4.43 7.25 -4.82
CA ARG A 15 -3.91 8.22 -3.85
C ARG A 15 -2.72 7.64 -3.11
N SER A 16 -1.59 8.34 -3.22
CA SER A 16 -0.36 7.91 -2.59
C SER A 16 -0.51 7.83 -1.07
OE1 B3D A 17 -2.70 11.76 1.77
CD B3D A 17 -1.77 11.33 1.05
OE2 B3D A 17 -1.45 11.89 -0.03
CG B3D A 17 -0.98 10.11 1.51
CA B3D A 17 -1.50 8.79 0.89
N B3D A 17 -1.26 8.78 -0.52
CB B3D A 17 -3.00 8.70 1.17
C B3D A 17 -3.47 7.29 1.45
O B3D A 17 -3.12 6.70 2.48
HG3 B3D A 17 -1.05 10.05 2.58
HG2 B3D A 17 0.04 10.24 1.22
HA B3D A 17 -0.99 7.90 1.30
H B3D A 17 -1.64 9.49 -1.09
HB1 B3D A 17 -3.24 9.31 2.04
HB2 B3D A 17 -3.55 9.07 0.32
N GLU A 18 -4.25 6.76 0.52
CA GLU A 18 -4.78 5.40 0.62
C GLU A 18 -3.66 4.39 0.55
N LEU A 19 -2.71 4.60 -0.35
CA LEU A 19 -1.60 3.68 -0.55
C LEU A 19 -0.78 3.58 0.74
N GLN A 20 -0.38 4.71 1.29
CA GLN A 20 0.44 4.72 2.50
C GLN A 20 -0.36 4.22 3.71
N HMR A 21 -1.49 4.85 3.99
CB HMR A 21 -2.30 4.44 5.11
CC HMR A 21 -2.69 5.69 5.92
CG HMR A 21 -1.51 6.52 6.39
CD HMR A 21 -1.97 7.76 7.15
NE HMR A 21 -0.84 8.60 7.54
CZ HMR A 21 -0.97 9.71 8.26
NH1 HMR A 21 -2.16 10.13 8.67
NH2 HMR A 21 0.12 10.41 8.57
C HMR A 21 -3.51 2.29 4.62
O HMR A 21 -3.71 1.59 5.63
CA HMR A 21 -3.60 3.78 4.67
H HMR A 21 -1.80 5.60 3.42
HB HMR A 21 -1.68 3.73 5.70
HB2 HMR A 21 -3.26 5.38 6.79
HB3 HMR A 21 -3.31 6.32 5.30
HG2 HMR A 21 -0.95 6.82 5.52
HG3 HMR A 21 -0.89 5.91 7.04
HD2 HMR A 21 -2.51 7.44 8.03
HD3 HMR A 21 -2.62 8.34 6.51
HE HMR A 21 0.05 8.31 7.26
HH1 HMR A 21 -2.99 9.60 8.44
HH21 HMR A 21 0.05 11.25 9.11
HH22 HMR A 21 1.02 10.10 8.26
HC1 HMR A 21 -4.38 4.06 5.35
HC2 HMR A 21 -3.84 4.13 3.67
HH2 HMR A 21 -2.24 10.97 9.21
N HIS A 22 -3.19 1.78 3.45
CA HIS A 22 -3.11 0.36 3.19
C HIS A 22 -1.73 -0.19 3.60
N LYS A 23 -0.67 0.50 3.21
CA LYS A 23 0.70 0.03 3.48
C LYS A 23 0.88 -0.22 4.97
N HMR A 24 0.40 0.71 5.78
CB HMR A 24 0.49 0.56 7.21
CC HMR A 24 0.75 1.94 7.84
CG HMR A 24 1.03 1.92 9.33
CD HMR A 24 1.26 3.31 9.87
NE HMR A 24 1.54 3.30 11.31
CZ HMR A 24 2.02 4.34 11.99
NH1 HMR A 24 2.24 4.22 13.29
NH2 HMR A 24 2.26 5.49 11.38
C HMR A 24 -0.87 -1.47 7.93
O HMR A 24 -0.52 -2.02 8.97
CA HMR A 24 -0.83 0.04 7.78
H HMR A 24 0.00 1.51 5.40
HB HMR A 24 1.32 -0.15 7.40
HB2 HMR A 24 -0.11 2.57 7.66
HB3 HMR A 24 1.60 2.39 7.34
HG2 HMR A 24 1.91 1.32 9.50
HG3 HMR A 24 0.18 1.48 9.83
HD2 HMR A 24 0.37 3.91 9.69
HD3 HMR A 24 2.10 3.75 9.35
HE HMR A 24 1.37 2.46 11.78
HH1 HMR A 24 2.05 3.35 13.76
HH21 HMR A 24 2.10 5.58 10.40
HH22 HMR A 24 2.62 6.27 11.90
HC1 HMR A 24 -0.98 0.47 8.76
HC2 HMR A 24 -1.62 0.34 7.14
HH2 HMR A 24 2.59 5.00 13.82
N THR A 25 -1.30 -2.13 6.86
CA THR A 25 -1.49 -3.56 6.85
C THR A 25 -0.16 -4.32 6.91
N HIS A 26 0.79 -3.91 6.09
CA HIS A 26 2.07 -4.62 6.02
C HIS A 26 3.01 -4.09 7.09
CG B3T A 27 4.47 -0.95 7.83
OD1 B3T A 27 3.51 -0.02 7.33
CD2 B3T A 27 5.43 -1.34 6.72
CA B3T A 27 3.74 -2.18 8.39
N B3T A 27 2.91 -2.81 7.39
CB B3T A 27 2.91 -1.81 9.61
C B3T A 27 3.60 -2.18 10.92
O B3T A 27 4.13 -3.29 11.06
HG B3T A 27 5.03 -0.48 8.63
HOD1 B3T A 27 3.12 -0.37 6.51
H1D2 B3T A 27 6.17 -2.02 7.11
H2D2 B3T A 27 5.92 -0.45 6.34
H3D2 B3T A 27 4.88 -1.81 5.92
HA B3T A 27 4.49 -2.91 8.69
H B3T A 27 2.26 -2.26 6.89
HB1 B3T A 27 1.97 -2.32 9.57
HB2 B3T A 27 2.75 -0.74 9.61
N GLY A 28 3.58 -1.26 11.88
CA GLY A 28 4.26 -1.49 13.14
C GLY A 28 5.76 -1.35 13.01
N GLU A 29 6.37 -2.28 12.30
CA GLU A 29 7.80 -2.26 12.05
C GLU A 29 8.14 -1.25 10.96
N LYS A 30 8.13 0.02 11.32
CA LYS A 30 8.41 1.08 10.37
C LYS A 30 9.09 2.24 11.07
N NH2 A 31 8.33 2.96 11.89
HN1 NH2 A 31 7.39 2.71 11.99
HN2 NH2 A 31 8.75 3.70 12.37
ZN ZN B . -0.31 -4.18 0.02
N PRO A 1 -2.09 5.82 -11.42
CA PRO A 1 -2.47 5.01 -10.25
C PRO A 1 -1.23 4.43 -9.58
N PHE A 2 -1.36 4.06 -8.31
CA PHE A 2 -0.25 3.51 -7.56
C PHE A 2 -0.56 2.08 -7.15
N 9KK A 3 0.34 1.13 -7.38
CE 9KK A 3 -0.37 -4.67 -9.46
CD 9KK A 3 -0.05 -3.19 -9.60
CG 9KK A 3 -0.08 -2.51 -8.25
CB 9KK A 3 0.23 -1.03 -8.37
CA 9KK A 3 0.07 -0.27 -7.04
CM 9KK A 3 1.65 1.49 -7.98
C 9KK A 3 1.04 -0.82 -5.99
O 9KK A 3 2.25 -0.83 -6.18
HE3 9KK A 3 0.35 -5.14 -8.82
HE2 9KK A 3 -1.36 -4.77 -9.03
HE1 9KK A 3 -0.35 -5.13 -10.44
HD2 9KK A 3 0.93 -3.09 -10.04
HD3 9KK A 3 -0.78 -2.74 -10.25
HG2 9KK A 3 -1.05 -2.63 -7.81
HG3 9KK A 3 0.66 -2.97 -7.61
HB2 9KK A 3 1.24 -0.91 -8.71
HB3 9KK A 3 -0.45 -0.59 -9.09
HA 9KK A 3 -0.94 -0.39 -6.68
HM1 9KK A 3 1.52 1.71 -9.03
HM3 9KK A 3 2.05 2.37 -7.48
HM2 9KK A 3 2.34 0.67 -7.86
N CYS A 4 0.48 -1.28 -4.88
CA CYS A 4 1.26 -1.87 -3.82
C CYS A 4 1.81 -3.21 -4.26
N THR A 5 3.06 -3.21 -4.70
CA THR A 5 3.69 -4.42 -5.18
C THR A 5 4.47 -5.11 -4.07
N TRP A 6 3.90 -5.08 -2.87
CA TRP A 6 4.51 -5.73 -1.71
C TRP A 6 4.56 -7.23 -1.93
N AIB A 7 5.53 -7.87 -1.29
CA AIB A 7 5.69 -9.33 -1.37
C AIB A 7 4.40 -10.03 -0.94
O AIB A 7 4.08 -10.08 0.26
CB1 AIB A 7 6.82 -9.75 -0.44
CB2 AIB A 7 6.09 -9.74 -2.78
H AIB A 7 6.16 -7.36 -0.75
HB11 AIB A 7 7.73 -9.27 -0.74
HB12 AIB A 7 6.94 -10.82 -0.50
HB13 AIB A 7 6.57 -9.47 0.57
HB21 AIB A 7 6.16 -10.81 -2.84
HB22 AIB A 7 7.05 -9.29 -3.03
HB23 AIB A 7 5.34 -9.39 -3.48
N GLY A 8 3.63 -10.53 -1.91
CA GLY A 8 2.40 -11.24 -1.60
C GLY A 8 1.18 -10.34 -1.68
N CYS A 9 1.36 -9.15 -2.23
CA CYS A 9 0.28 -8.19 -2.35
C CYS A 9 0.14 -7.73 -3.80
N GLY A 10 -0.78 -6.81 -4.04
CA GLY A 10 -0.99 -6.30 -5.39
C GLY A 10 -2.24 -5.47 -5.50
N LYS A 11 -2.41 -4.53 -4.58
CA LYS A 11 -3.60 -3.68 -4.57
C LYS A 11 -3.33 -2.36 -5.30
N MMO A 12 -4.35 -1.79 -5.99
CA MMO A 12 -4.14 -0.52 -6.74
C MMO A 12 -4.98 0.63 -6.20
O MMO A 12 -6.17 0.50 -5.95
CB MMO A 12 -4.54 -0.85 -8.18
CG MMO A 12 -3.64 -1.88 -8.84
CD MMO A 12 -4.11 -2.21 -10.25
NE MMO A 12 -3.92 -1.08 -11.17
CZ MMO A 12 -4.58 -0.95 -12.32
NH2 MMO A 12 -5.52 -1.82 -12.66
NH1 MMO A 12 -4.30 0.08 -13.11
CN MMO A 12 -5.68 -2.43 -5.98
HA MMO A 12 -3.10 -0.24 -6.71
HCB1 MMO A 12 -4.50 0.05 -8.76
HCB2 MMO A 12 -5.56 -1.23 -8.18
HCG1 MMO A 12 -3.65 -2.78 -8.25
HCG2 MMO A 12 -2.64 -1.49 -8.90
HCD1 MMO A 12 -5.16 -2.45 -10.22
HCD2 MMO A 12 -3.55 -3.05 -10.61
HH21 MMO A 12 -5.73 -2.60 -12.07
HH22 MMO A 12 -6.02 -1.71 -13.53
HH11 MMO A 12 -4.80 0.20 -14.00
HC1 MMO A 12 -5.90 -2.77 -4.99
HC2 MMO A 12 -5.68 -3.27 -6.68
HC3 MMO A 12 -6.42 -1.71 -6.29
HE MMO A 12 -3.24 -0.41 -10.93
HH12 MMO A 12 -3.60 0.74 -12.87
N PHE A 13 -4.33 1.77 -6.03
CA PHE A 13 -4.94 2.95 -5.43
C PHE A 13 -4.73 4.17 -6.33
N THR A 14 -5.35 5.28 -5.96
CA THR A 14 -5.24 6.50 -6.74
C THR A 14 -4.50 7.61 -5.99
N ARG A 15 -4.44 7.50 -4.68
CA ARG A 15 -3.73 8.47 -3.88
C ARG A 15 -2.62 7.81 -3.08
N SER A 16 -1.47 8.48 -3.04
CA SER A 16 -0.29 7.98 -2.35
C SER A 16 -0.54 7.86 -0.85
OE1 B3D A 17 -0.57 9.58 4.03
CD B3D A 17 -1.47 10.01 3.28
OE2 B3D A 17 -2.55 10.47 3.71
CG B3D A 17 -1.24 10.01 1.77
CA B3D A 17 -1.67 8.70 1.09
N B3D A 17 -1.35 8.75 -0.31
CB B3D A 17 -3.18 8.55 1.29
C B3D A 17 -3.62 7.13 1.40
O B3D A 17 -3.36 6.45 2.40
HG3 B3D A 17 -0.18 10.16 1.59
HG2 B3D A 17 -1.79 10.83 1.34
HA B3D A 17 -1.15 7.81 1.49
H B3D A 17 -1.72 9.47 -0.87
HB1 B3D A 17 -3.45 9.07 2.20
HB2 B3D A 17 -3.68 9.01 0.46
N GLU A 18 -4.28 6.67 0.34
CA GLU A 18 -4.74 5.29 0.26
C GLU A 18 -3.57 4.32 0.31
N LEU A 19 -2.57 4.57 -0.52
CA LEU A 19 -1.44 3.67 -0.66
C LEU A 19 -0.66 3.55 0.64
N GLN A 20 -0.35 4.68 1.25
CA GLN A 20 0.47 4.70 2.46
C GLN A 20 -0.33 4.25 3.67
N HMR A 21 -1.50 4.84 3.89
CB HMR A 21 -2.31 4.49 5.01
CC HMR A 21 -2.65 5.75 5.81
CG HMR A 21 -1.46 6.66 6.06
CD HMR A 21 -1.83 7.86 6.91
NE HMR A 21 -0.86 8.94 6.77
CZ HMR A 21 -0.39 9.68 7.78
NH1 HMR A 21 -0.81 9.46 9.02
NH2 HMR A 21 0.49 10.64 7.55
C HMR A 21 -3.60 2.37 4.48
O HMR A 21 -3.97 1.66 5.42
CA HMR A 21 -3.63 3.87 4.56
H HMR A 21 -1.81 5.54 3.26
HB HMR A 21 -1.73 3.75 5.61
HB2 HMR A 21 -3.07 5.46 6.77
HB3 HMR A 21 -3.40 6.31 5.27
HG2 HMR A 21 -1.09 7.01 5.11
HG3 HMR A 21 -0.69 6.09 6.57
HD2 HMR A 21 -1.87 7.56 7.95
HD3 HMR A 21 -2.80 8.22 6.61
HE HMR A 21 -0.54 9.14 5.86
HH1 HMR A 21 -1.48 8.73 9.22
HH21 HMR A 21 0.85 11.19 8.31
HH22 HMR A 21 0.82 10.82 6.62
HC1 HMR A 21 -4.41 4.16 5.26
HC2 HMR A 21 -3.88 4.26 3.59
HH2 HMR A 21 -0.45 10.01 9.78
N HIS A 22 -3.15 1.89 3.33
CA HIS A 22 -3.05 0.46 3.08
C HIS A 22 -1.69 -0.08 3.53
N LYS A 23 -0.61 0.58 3.12
CA LYS A 23 0.75 0.13 3.43
C LYS A 23 0.87 -0.17 4.91
N HMR A 24 0.29 0.72 5.72
CB HMR A 24 0.27 0.51 7.14
CC HMR A 24 0.46 1.84 7.87
CG HMR A 24 0.55 1.71 9.38
CD HMR A 24 0.65 3.07 10.06
NE HMR A 24 0.73 2.94 11.50
CZ HMR A 24 0.27 3.86 12.36
NH1 HMR A 24 0.38 3.66 13.66
NH2 HMR A 24 -0.32 4.96 11.91
C HMR A 24 -1.09 -1.51 7.85
O HMR A 24 -0.90 -1.93 8.99
CA HMR A 24 -1.10 -0.04 7.55
H HMR A 24 -0.11 1.53 5.33
HB HMR A 24 1.05 -0.23 7.37
HB2 HMR A 24 -0.35 2.50 7.63
HB3 HMR A 24 1.38 2.30 7.52
HG2 HMR A 24 1.42 1.13 9.64
HG3 HMR A 24 -0.33 1.21 9.74
HD2 HMR A 24 -0.23 3.65 9.80
HD3 HMR A 24 1.53 3.56 9.69
HE HMR A 24 1.16 2.14 11.87
HH1 HMR A 24 0.83 2.82 14.01
HH21 HMR A 24 -0.42 5.12 10.92
HH22 HMR A 24 -0.67 5.63 12.56
HC1 HMR A 24 -1.44 0.49 8.42
HC2 HMR A 24 -1.80 0.13 6.74
HH2 HMR A 24 0.04 4.34 14.31
N THR A 25 -1.32 -2.32 6.82
CA THR A 25 -1.44 -3.76 6.97
C THR A 25 -0.09 -4.46 6.82
N HIS A 26 0.90 -3.76 6.27
CA HIS A 26 2.23 -4.32 6.14
C HIS A 26 3.15 -3.71 7.18
CG B3T A 27 5.46 -1.16 7.30
OD1 B3T A 27 5.11 -0.44 6.10
CD2 B3T A 27 6.39 -2.30 6.95
CA B3T A 27 4.20 -1.67 8.00
N B3T A 27 3.34 -2.40 7.07
CB B3T A 27 3.41 -0.52 8.62
C B3T A 27 3.95 -0.09 9.96
O B3T A 27 3.93 -0.86 10.93
HG B3T A 27 5.98 -0.49 7.97
HOD1 B3T A 27 5.48 -0.91 5.34
H1D2 B3T A 27 6.68 -2.83 7.86
H2D2 B3T A 27 7.28 -1.92 6.47
H3D2 B3T A 27 5.90 -2.99 6.29
HA B3T A 27 4.53 -2.33 8.77
H B3T A 27 2.89 -1.92 6.36
HB1 B3T A 27 2.39 -0.83 8.75
HB2 B3T A 27 3.44 0.33 7.95
N GLY A 28 4.45 1.15 10.02
CA GLY A 28 5.07 1.64 11.23
C GLY A 28 6.40 0.97 11.51
N GLU A 29 7.11 1.45 12.53
CA GLU A 29 8.37 0.85 12.96
C GLU A 29 9.39 0.85 11.83
N LYS A 30 9.49 1.96 11.12
CA LYS A 30 10.42 2.07 10.00
C LYS A 30 10.93 3.51 9.87
N NH2 A 31 11.66 3.95 10.87
HN1 NH2 A 31 11.82 3.35 11.63
HN2 NH2 A 31 12.01 4.86 10.82
ZN ZN B . -0.14 -4.08 0.06
N PRO A 1 -1.60 5.70 -11.34
CA PRO A 1 -2.06 5.11 -10.06
C PRO A 1 -0.87 4.63 -9.26
N PHE A 2 -1.14 4.06 -8.10
CA PHE A 2 -0.10 3.55 -7.23
C PHE A 2 -0.39 2.09 -6.90
N 9KK A 3 0.59 1.19 -7.06
CE 9KK A 3 0.17 -4.52 -9.38
CD 9KK A 3 0.48 -3.04 -9.47
CG 9KK A 3 0.40 -2.41 -8.09
CB 9KK A 3 0.60 -0.91 -8.14
CA 9KK A 3 0.34 -0.22 -6.81
CM 9KK A 3 1.93 1.64 -7.48
C 9KK A 3 1.24 -0.80 -5.72
O 9KK A 3 2.47 -0.81 -5.86
HE3 9KK A 3 0.23 -4.96 -10.37
HE2 9KK A 3 0.91 -5.00 -8.74
HE1 9KK A 3 -0.81 -4.66 -8.98
HD2 9KK A 3 1.48 -2.91 -9.86
HD3 9KK A 3 -0.24 -2.57 -10.13
HG2 9KK A 3 -0.57 -2.62 -7.67
HG3 9KK A 3 1.16 -2.85 -7.46
HB2 9KK A 3 1.62 -0.71 -8.45
HB3 9KK A 3 -0.07 -0.50 -8.89
HA 9KK A 3 -0.70 -0.39 -6.52
HM1 9KK A 3 1.92 1.93 -8.51
HM3 9KK A 3 2.23 2.49 -6.87
HM2 9KK A 3 2.64 0.84 -7.32
N CYS A 4 0.61 -1.29 -4.68
CA CYS A 4 1.33 -1.93 -3.60
C CYS A 4 1.93 -3.25 -4.09
N THR A 5 3.19 -3.21 -4.48
CA THR A 5 3.86 -4.36 -5.03
C THR A 5 4.60 -5.12 -3.94
N TRP A 6 3.90 -5.34 -2.83
CA TRP A 6 4.45 -6.05 -1.69
C TRP A 6 4.41 -7.56 -1.97
N AIB A 7 5.31 -8.30 -1.33
CA AIB A 7 5.36 -9.76 -1.44
C AIB A 7 3.96 -10.35 -1.13
O AIB A 7 3.55 -10.38 0.04
CB1 AIB A 7 6.37 -10.31 -0.44
CB2 AIB A 7 5.81 -10.16 -2.82
H AIB A 7 5.96 -7.85 -0.75
HB11 AIB A 7 6.40 -11.39 -0.53
HB12 AIB A 7 6.07 -10.03 0.55
HB13 AIB A 7 7.34 -9.91 -0.66
HB21 AIB A 7 6.83 -9.83 -2.98
HB22 AIB A 7 5.17 -9.70 -3.55
HB23 AIB A 7 5.76 -11.24 -2.92
N GLY A 8 3.24 -10.76 -2.16
CA GLY A 8 1.94 -11.37 -1.97
C GLY A 8 0.82 -10.35 -1.99
N CYS A 9 1.09 -9.19 -2.57
CA CYS A 9 0.10 -8.13 -2.63
C CYS A 9 0.16 -7.43 -3.99
N GLY A 10 -0.96 -6.84 -4.40
CA GLY A 10 -1.01 -6.12 -5.66
C GLY A 10 -2.15 -5.12 -5.69
N LYS A 11 -2.43 -4.53 -4.54
CA LYS A 11 -3.54 -3.60 -4.40
C LYS A 11 -3.21 -2.26 -5.07
N MMO A 12 -4.15 -1.67 -5.82
CA MMO A 12 -3.89 -0.39 -6.50
C MMO A 12 -4.79 0.75 -6.02
O MMO A 12 -5.98 0.57 -5.77
CB MMO A 12 -4.13 -0.66 -7.99
CG MMO A 12 -3.15 -1.67 -8.58
CD MMO A 12 -3.33 -1.80 -10.08
NE MMO A 12 -4.68 -2.24 -10.46
CZ MMO A 12 -4.96 -2.90 -11.57
NH2 MMO A 12 -3.99 -3.22 -12.43
NH1 MMO A 12 -6.20 -3.26 -11.83
CN MMO A 12 -5.49 -2.31 -5.95
HA MMO A 12 -2.86 -0.09 -6.36
HCB1 MMO A 12 -4.03 0.26 -8.53
HCB2 MMO A 12 -5.13 -1.05 -8.11
HCG1 MMO A 12 -3.32 -2.64 -8.12
HCG2 MMO A 12 -2.15 -1.34 -8.38
HCD1 MMO A 12 -2.62 -2.52 -10.46
HCD2 MMO A 12 -3.14 -0.84 -10.54
HH21 MMO A 12 -3.05 -2.95 -12.24
HH22 MMO A 12 -4.22 -3.72 -13.27
HH11 MMO A 12 -6.43 -3.76 -12.67
HC1 MMO A 12 -5.41 -3.17 -6.59
HC2 MMO A 12 -6.18 -1.60 -6.38
HC3 MMO A 12 -5.83 -2.62 -4.97
HE MMO A 12 -5.40 -2.01 -9.84
HH12 MMO A 12 -6.94 -3.01 -11.20
N PHE A 13 -4.20 1.93 -5.89
CA PHE A 13 -4.88 3.09 -5.34
C PHE A 13 -4.61 4.32 -6.20
N THR A 14 -5.50 5.31 -6.13
CA THR A 14 -5.34 6.53 -6.91
C THR A 14 -4.76 7.65 -6.06
N ARG A 15 -4.50 7.36 -4.78
CA ARG A 15 -3.88 8.34 -3.89
C ARG A 15 -2.70 7.70 -3.15
N SER A 16 -1.56 8.37 -3.23
CA SER A 16 -0.33 7.90 -2.59
C SER A 16 -0.50 7.83 -1.08
OE1 B3D A 17 -2.35 12.01 1.97
CD B3D A 17 -1.74 11.37 1.09
OE2 B3D A 17 -1.75 11.70 -0.11
CG B3D A 17 -0.92 10.16 1.50
CA B3D A 17 -1.43 8.84 0.89
N B3D A 17 -1.18 8.82 -0.52
CB B3D A 17 -2.95 8.78 1.16
C B3D A 17 -3.45 7.39 1.44
O B3D A 17 -3.15 6.81 2.49
HG3 B3D A 17 -0.95 10.08 2.58
HG2 B3D A 17 0.10 10.31 1.19
HA B3D A 17 -0.94 7.94 1.31
H B3D A 17 -1.50 9.57 -1.08
HB1 B3D A 17 -3.17 9.40 2.00
HB2 B3D A 17 -3.47 9.15 0.29
N GLU A 18 -4.19 6.86 0.49
CA GLU A 18 -4.81 5.54 0.63
C GLU A 18 -3.79 4.43 0.43
N LEU A 19 -2.82 4.67 -0.44
CA LEU A 19 -1.77 3.70 -0.68
C LEU A 19 -0.93 3.50 0.57
N GLN A 20 -0.44 4.60 1.13
CA GLN A 20 0.40 4.54 2.32
C GLN A 20 -0.42 4.15 3.55
N HMR A 21 -1.56 4.80 3.74
CB HMR A 21 -2.39 4.50 4.88
CC HMR A 21 -2.80 5.82 5.55
CG HMR A 21 -1.62 6.75 5.83
CD HMR A 21 -2.09 8.11 6.32
NE HMR A 21 -3.01 8.75 5.37
CZ HMR A 21 -3.30 10.04 5.38
NH1 HMR A 21 -2.74 10.84 6.27
NH2 HMR A 21 -4.15 10.54 4.49
C HMR A 21 -3.62 2.33 4.43
O HMR A 21 -3.82 1.67 5.46
CA HMR A 21 -3.70 3.83 4.44
H HMR A 21 -1.84 5.49 3.10
HB HMR A 21 -1.81 3.83 5.54
HB2 HMR A 21 -3.29 5.60 6.49
HB3 HMR A 21 -3.48 6.34 4.91
HG2 HMR A 21 -1.05 6.88 4.92
HG3 HMR A 21 -1.00 6.30 6.59
HD2 HMR A 21 -1.23 8.75 6.44
HD3 HMR A 21 -2.59 7.98 7.26
HE HMR A 21 -3.44 8.17 4.69
HH1 HMR A 21 -2.10 10.47 6.95
HH21 HMR A 21 -4.37 11.52 4.50
HH22 HMR A 21 -4.58 9.94 3.81
HC1 HMR A 21 -4.48 4.12 5.11
HC2 HMR A 21 -3.94 4.16 3.44
HH2 HMR A 21 -2.97 11.83 6.28
N HIS A 22 -3.32 1.79 3.26
CA HIS A 22 -3.23 0.37 3.06
C HIS A 22 -1.87 -0.18 3.52
N LYS A 23 -0.79 0.38 2.98
CA LYS A 23 0.57 -0.12 3.24
C LYS A 23 0.79 -0.34 4.72
N HMR A 24 0.35 0.63 5.52
CB HMR A 24 0.45 0.52 6.94
CC HMR A 24 0.72 1.92 7.52
CG HMR A 24 0.94 1.94 9.03
CD HMR A 24 1.20 3.35 9.53
NE HMR A 24 1.44 3.39 10.96
CZ HMR A 24 1.70 4.51 11.65
NH1 HMR A 24 1.92 4.44 12.96
NH2 HMR A 24 1.74 5.68 11.03
C HMR A 24 -0.84 -1.46 7.87
O HMR A 24 -0.53 -1.85 8.99
CA HMR A 24 -0.85 0.01 7.53
H HMR A 24 -0.06 1.44 5.12
HB HMR A 24 1.28 -0.20 7.14
HB2 HMR A 24 -0.11 2.56 7.29
HB3 HMR A 24 1.62 2.32 7.06
HG2 HMR A 24 1.78 1.32 9.28
HG3 HMR A 24 0.05 1.56 9.51
HD2 HMR A 24 0.33 3.96 9.30
HD3 HMR A 24 2.06 3.75 9.01
HE HMR A 24 1.41 2.53 11.45
HH1 HMR A 24 1.88 3.56 13.43
HH21 HMR A 24 1.58 5.74 10.05
HH22 HMR A 24 1.94 6.52 11.56
HC1 HMR A 24 -1.08 0.57 8.42
HC2 HMR A 24 -1.65 0.18 6.81
HH2 HMR A 24 2.11 5.28 13.48
N THR A 25 -1.18 -2.28 6.88
CA THR A 25 -1.34 -3.71 7.08
C THR A 25 0.00 -4.45 7.00
N HIS A 26 0.95 -3.93 6.23
CA HIS A 26 2.25 -4.56 6.11
C HIS A 26 3.25 -3.88 7.04
CG B3T A 27 4.75 -0.60 6.98
OD1 B3T A 27 3.70 0.20 6.44
CD2 B3T A 27 5.63 -1.12 5.85
CA B3T A 27 4.17 -1.76 7.79
N B3T A 27 3.26 -2.56 6.99
CB B3T A 27 3.46 -1.25 9.04
C B3T A 27 4.38 -1.18 10.25
O B3T A 27 5.34 -1.96 10.36
HG B3T A 27 5.36 0.00 7.63
HOD1 B3T A 27 3.73 1.08 6.85
H1D2 B3T A 27 6.44 -1.70 6.26
H2D2 B3T A 27 6.02 -0.29 5.29
H3D2 B3T A 27 5.03 -1.75 5.19
HA B3T A 27 4.99 -2.39 8.09
H B3T A 27 2.64 -2.10 6.38
HB1 B3T A 27 2.64 -1.91 9.28
HB2 B3T A 27 3.08 -0.26 8.86
N GLY A 28 4.10 -0.26 11.15
CA GLY A 28 4.96 -0.08 12.32
C GLY A 28 5.96 1.03 12.09
N GLU A 29 7.05 0.73 11.41
CA GLU A 29 8.09 1.69 11.15
C GLU A 29 7.63 2.70 10.10
N LYS A 30 7.12 2.20 8.99
CA LYS A 30 6.63 3.06 7.92
C LYS A 30 5.15 3.33 8.11
N NH2 A 31 4.84 4.44 8.75
HN1 NH2 A 31 5.57 5.00 9.07
HN2 NH2 A 31 3.89 4.64 8.90
ZN ZN B . -0.31 -4.27 0.12
N PRO A 1 -3.08 4.11 -10.74
CA PRO A 1 -1.80 4.87 -10.68
C PRO A 1 -0.84 4.25 -9.68
N PHE A 2 -1.22 4.23 -8.41
CA PHE A 2 -0.36 3.71 -7.37
C PHE A 2 -0.63 2.23 -7.15
N 9KK A 3 0.41 1.43 -6.85
CE 9KK A 3 0.10 -4.21 -9.39
CD 9KK A 3 0.41 -2.73 -9.40
CG 9KK A 3 0.22 -2.14 -8.02
CB 9KK A 3 0.45 -0.64 -8.00
CA 9KK A 3 0.19 -0.01 -6.63
CM 9KK A 3 1.77 1.98 -6.77
C 9KK A 3 1.13 -0.63 -5.59
O 9KK A 3 2.35 -0.66 -5.75
HE3 9KK A 3 -0.92 -4.36 -9.06
HE2 9KK A 3 0.22 -4.61 -10.39
HE1 9KK A 3 0.77 -4.71 -8.71
HD2 9KK A 3 1.43 -2.59 -9.71
HD3 9KK A 3 -0.26 -2.24 -10.10
HG2 9KK A 3 -0.79 -2.34 -7.67
HG3 9KK A 3 0.93 -2.61 -7.34
HB2 9KK A 3 1.47 -0.45 -8.28
HB3 9KK A 3 -0.21 -0.19 -8.72
HA 9KK A 3 -0.83 -0.21 -6.34
HM1 9KK A 3 2.42 1.26 -6.30
HM3 9KK A 3 2.12 2.20 -7.77
HM2 9KK A 3 1.75 2.89 -6.18
N CYS A 4 0.52 -1.15 -4.53
CA CYS A 4 1.27 -1.86 -3.51
C CYS A 4 1.81 -3.16 -4.10
N THR A 5 3.11 -3.18 -4.38
CA THR A 5 3.74 -4.35 -4.96
C THR A 5 4.50 -5.12 -3.89
N TRP A 6 3.93 -5.17 -2.69
CA TRP A 6 4.50 -5.92 -1.58
C TRP A 6 4.50 -7.40 -1.94
N AIB A 7 5.48 -8.12 -1.42
CA AIB A 7 5.62 -9.56 -1.65
C AIB A 7 4.33 -10.28 -1.24
O AIB A 7 4.00 -10.33 -0.05
CB1 AIB A 7 6.78 -10.09 -0.82
CB2 AIB A 7 5.96 -9.83 -3.11
H AIB A 7 6.15 -7.67 -0.85
HB11 AIB A 7 6.59 -9.91 0.22
HB12 AIB A 7 7.69 -9.59 -1.12
HB13 AIB A 7 6.89 -11.15 -0.99
HB21 AIB A 7 5.17 -9.42 -3.74
HB22 AIB A 7 6.04 -10.89 -3.28
HB23 AIB A 7 6.90 -9.35 -3.36
N GLY A 8 3.60 -10.82 -2.22
CA GLY A 8 2.38 -11.54 -1.92
C GLY A 8 1.15 -10.66 -2.02
N CYS A 9 1.36 -9.39 -2.32
CA CYS A 9 0.27 -8.43 -2.43
C CYS A 9 0.19 -7.90 -3.86
N GLY A 10 -0.61 -6.87 -4.06
CA GLY A 10 -0.79 -6.30 -5.39
C GLY A 10 -2.07 -5.51 -5.50
N LYS A 11 -2.17 -4.45 -4.70
CA LYS A 11 -3.38 -3.64 -4.64
C LYS A 11 -3.15 -2.28 -5.30
N MMO A 12 -4.16 -1.72 -6.00
CA MMO A 12 -3.97 -0.43 -6.67
C MMO A 12 -4.81 0.70 -6.06
O MMO A 12 -5.92 0.49 -5.58
CB MMO A 12 -4.38 -0.69 -8.12
CG MMO A 12 -3.41 -1.60 -8.87
CD MMO A 12 -3.87 -1.87 -10.28
NE MMO A 12 -2.93 -2.71 -11.02
CZ MMO A 12 -3.29 -3.55 -11.99
NH2 MMO A 12 -4.56 -3.67 -12.35
NH1 MMO A 12 -2.36 -4.26 -12.63
CN MMO A 12 -5.46 -2.41 -6.07
HA MMO A 12 -2.93 -0.13 -6.66
HCB1 MMO A 12 -4.42 0.25 -8.65
HCB2 MMO A 12 -5.35 -1.15 -8.14
HCG1 MMO A 12 -3.33 -2.53 -8.34
HCG2 MMO A 12 -2.44 -1.12 -8.90
HCD1 MMO A 12 -3.97 -0.93 -10.80
HCD2 MMO A 12 -4.83 -2.36 -10.25
HH21 MMO A 12 -5.26 -3.14 -11.87
HH22 MMO A 12 -4.82 -4.30 -13.08
HH11 MMO A 12 -2.62 -4.90 -13.36
HC1 MMO A 12 -6.23 -1.71 -6.34
HC2 MMO A 12 -5.69 -2.85 -5.12
HC3 MMO A 12 -5.42 -3.20 -6.82
HE MMO A 12 -1.98 -2.65 -10.77
HH12 MMO A 12 -1.38 -4.18 -12.37
N PHE A 13 -4.25 1.91 -6.09
CA PHE A 13 -4.84 3.05 -5.40
C PHE A 13 -4.70 4.33 -6.22
N THR A 14 -5.53 5.30 -5.90
CA THR A 14 -5.58 6.56 -6.62
C THR A 14 -4.74 7.62 -5.93
N ARG A 15 -4.61 7.51 -4.61
CA ARG A 15 -3.82 8.47 -3.84
C ARG A 15 -2.65 7.76 -3.14
N SER A 16 -1.50 8.41 -3.16
CA SER A 16 -0.29 7.86 -2.56
C SER A 16 -0.44 7.79 -1.04
OE1 B3D A 17 -2.21 10.85 3.42
CD B3D A 17 -1.26 10.14 3.03
OE2 B3D A 17 -0.51 9.53 3.84
CG B3D A 17 -0.98 10.03 1.53
CA B3D A 17 -1.49 8.70 0.93
N B3D A 17 -1.24 8.69 -0.49
CB B3D A 17 -2.99 8.61 1.21
C B3D A 17 -3.47 7.20 1.37
O B3D A 17 -3.24 6.55 2.40
HG3 B3D A 17 0.08 10.09 1.39
HG2 B3D A 17 -1.47 10.85 1.04
HA B3D A 17 -0.96 7.80 1.33
H B3D A 17 -1.67 9.37 -1.05
HB1 B3D A 17 -3.20 9.15 2.12
HB2 B3D A 17 -3.52 9.05 0.39
N GLU A 18 -4.14 6.70 0.33
CA GLU A 18 -4.68 5.35 0.32
C GLU A 18 -3.55 4.32 0.30
N LEU A 19 -2.56 4.57 -0.55
CA LEU A 19 -1.42 3.66 -0.68
C LEU A 19 -0.68 3.55 0.66
N GLN A 20 -0.26 4.70 1.19
CA GLN A 20 0.49 4.74 2.44
C GLN A 20 -0.34 4.16 3.58
N HMR A 21 -1.52 4.72 3.82
CB HMR A 21 -2.36 4.20 4.88
CC HMR A 21 -2.68 5.32 5.89
CG HMR A 21 -1.45 5.96 6.49
CD HMR A 21 -1.79 6.75 7.74
NE HMR A 21 -2.26 5.87 8.81
CZ HMR A 21 -2.06 6.10 10.11
NH1 HMR A 21 -1.40 7.19 10.50
NH2 HMR A 21 -2.53 5.25 11.01
C HMR A 21 -3.74 2.19 4.32
O HMR A 21 -4.19 1.54 5.26
CA HMR A 21 -3.68 3.69 4.34
H HMR A 21 -1.83 5.47 3.28
HB HMR A 21 -1.80 3.37 5.35
HB2 HMR A 21 -3.27 4.90 6.68
HB3 HMR A 21 -3.24 6.08 5.39
HG2 HMR A 21 -1.01 6.63 5.76
HG3 HMR A 21 -0.73 5.20 6.75
HD2 HMR A 21 -2.56 7.46 7.51
HD3 HMR A 21 -0.90 7.27 8.08
HE HMR A 21 -2.75 5.06 8.55
HH1 HMR A 21 -1.05 7.83 9.81
HH21 HMR A 21 -2.39 5.42 11.99
HH22 HMR A 21 -3.03 4.43 10.72
HC1 HMR A 21 -4.48 4.05 4.97
HC2 HMR A 21 -3.82 4.06 3.33
HH2 HMR A 21 -1.25 7.37 11.47
N HIS A 22 -3.28 1.65 3.21
CA HIS A 22 -3.19 0.21 3.02
C HIS A 22 -1.83 -0.31 3.49
N LYS A 23 -0.75 0.31 2.99
CA LYS A 23 0.62 -0.12 3.32
C LYS A 23 0.76 -0.27 4.82
N HMR A 24 0.28 0.72 5.55
CB HMR A 24 0.32 0.67 6.98
CC HMR A 24 0.53 2.08 7.53
CG HMR A 24 0.70 2.15 9.03
CD HMR A 24 0.92 3.57 9.51
NE HMR A 24 1.17 3.62 10.95
CZ HMR A 24 1.51 4.74 11.61
NH1 HMR A 24 1.73 4.69 12.92
NH2 HMR A 24 1.64 5.88 10.95
C HMR A 24 -0.97 -1.29 7.94
O HMR A 24 -0.65 -1.60 9.09
CA HMR A 24 -1.02 0.15 7.51
H HMR A 24 -0.10 1.50 5.10
HB HMR A 24 1.13 -0.03 7.26
HB2 HMR A 24 -0.34 2.69 7.27
HB3 HMR A 24 1.40 2.51 7.06
HG2 HMR A 24 1.56 1.55 9.31
HG3 HMR A 24 -0.18 1.75 9.51
HD2 HMR A 24 0.05 4.15 9.28
HD3 HMR A 24 1.77 3.98 8.99
HE HMR A 24 1.07 2.78 11.46
HH1 HMR A 24 1.64 3.82 13.42
HH21 HMR A 24 1.49 5.92 9.96
HH22 HMR A 24 1.90 6.72 11.45
HC1 HMR A 24 -1.31 0.75 8.36
HC2 HMR A 24 -1.77 0.25 6.74
HH2 HMR A 24 1.99 5.52 13.41
N THR A 25 -1.27 -2.19 7.01
CA THR A 25 -1.39 -3.60 7.32
C THR A 25 -0.01 -4.30 7.25
N HIS A 26 0.85 -3.88 6.32
CA HIS A 26 2.16 -4.51 6.19
C HIS A 26 3.14 -3.85 7.13
CG B3T A 27 4.56 -0.54 7.19
OD1 B3T A 27 3.49 0.37 6.90
CD2 B3T A 27 5.22 -0.97 5.89
CA B3T A 27 4.02 -1.75 7.96
N B3T A 27 3.12 -2.53 7.13
CB B3T A 27 3.31 -1.30 9.25
C B3T A 27 4.23 -1.38 10.45
O B3T A 27 5.17 -0.58 10.57
HG B3T A 27 5.29 -0.02 7.79
HOD1 B3T A 27 2.80 -0.10 6.40
H1D2 B3T A 27 6.06 -1.61 6.11
H2D2 B3T A 27 5.55 -0.11 5.34
H3D2 B3T A 27 4.51 -1.52 5.28
HA B3T A 27 4.86 -2.38 8.22
H B3T A 27 2.47 -2.06 6.56
HB1 B3T A 27 2.47 -1.94 9.42
HB2 B3T A 27 2.98 -0.29 9.12
N GLY A 28 3.97 -2.33 11.33
CA GLY A 28 4.81 -2.51 12.51
C GLY A 28 6.19 -3.01 12.14
N GLU A 29 6.26 -3.76 11.04
CA GLU A 29 7.51 -4.31 10.57
C GLU A 29 7.97 -3.56 9.32
N LYS A 30 8.60 -2.41 9.52
CA LYS A 30 9.10 -1.61 8.42
C LYS A 30 10.51 -1.12 8.73
N NH2 A 31 11.48 -1.99 8.55
HN1 NH2 A 31 11.24 -2.89 8.23
HN2 NH2 A 31 12.40 -1.71 8.74
ZN ZN B . -0.27 -4.43 0.13
N PRO A 1 -2.42 5.56 -11.61
CA PRO A 1 -2.69 4.98 -10.27
C PRO A 1 -1.39 4.61 -9.58
N PHE A 2 -1.49 4.14 -8.34
CA PHE A 2 -0.33 3.74 -7.57
C PHE A 2 -0.45 2.26 -7.18
N 9KK A 3 0.64 1.50 -7.23
CE 9KK A 3 1.60 -4.35 -9.07
CD 9KK A 3 1.65 -2.84 -9.21
CG 9KK A 3 1.07 -2.17 -7.98
CB 9KK A 3 1.16 -0.65 -8.08
CA 9KK A 3 0.58 0.07 -6.87
CM 9KK A 3 1.94 2.08 -7.65
C 9KK A 3 1.37 -0.25 -5.60
O 9KK A 3 2.49 0.24 -5.40
HE3 9KK A 3 2.01 -4.81 -9.95
HE2 9KK A 3 2.16 -4.66 -8.21
HE1 9KK A 3 0.56 -4.66 -8.94
HD2 9KK A 3 2.70 -2.55 -9.33
HD3 9KK A 3 1.09 -2.55 -10.08
HG2 9KK A 3 0.04 -2.46 -7.88
HG3 9KK A 3 1.62 -2.50 -7.11
HB2 9KK A 3 2.20 -0.38 -8.18
HB3 9KK A 3 0.62 -0.34 -8.97
HA 9KK A 3 -0.45 -0.23 -6.72
HM1 9KK A 3 2.74 1.44 -7.34
HM3 9KK A 3 1.95 2.18 -8.73
HM2 9KK A 3 2.06 3.06 -7.20
N CYS A 4 0.78 -1.08 -4.75
CA CYS A 4 1.41 -1.48 -3.49
C CYS A 4 2.75 -2.21 -3.73
N THR A 5 2.81 -2.95 -4.85
CA THR A 5 4.00 -3.68 -5.29
C THR A 5 4.55 -4.64 -4.23
N TRP A 6 3.76 -4.93 -3.21
CA TRP A 6 4.17 -5.87 -2.16
C TRP A 6 3.98 -7.29 -2.66
N AIB A 7 4.97 -8.15 -2.39
CA AIB A 7 4.98 -9.53 -2.85
C AIB A 7 3.69 -10.25 -2.41
O AIB A 7 3.47 -10.45 -1.21
CB1 AIB A 7 6.17 -10.25 -2.27
CB2 AIB A 7 5.12 -9.57 -4.37
H AIB A 7 5.72 -7.83 -1.84
HB11 AIB A 7 7.08 -9.76 -2.58
HB12 AIB A 7 6.19 -11.27 -2.63
HB13 AIB A 7 6.10 -10.24 -1.19
HB21 AIB A 7 5.11 -10.59 -4.71
HB22 AIB A 7 6.05 -9.10 -4.65
HB23 AIB A 7 4.30 -9.03 -4.82
N GLY A 8 2.86 -10.63 -3.37
CA GLY A 8 1.67 -11.39 -3.06
C GLY A 8 0.45 -10.52 -2.83
N CYS A 9 0.64 -9.22 -2.85
CA CYS A 9 -0.44 -8.29 -2.59
C CYS A 9 -1.13 -7.87 -3.89
N GLY A 10 -0.48 -7.02 -4.66
CA GLY A 10 -1.03 -6.58 -5.93
C GLY A 10 -2.28 -5.73 -5.78
N LYS A 11 -2.16 -4.60 -5.10
CA LYS A 11 -3.26 -3.68 -4.93
C LYS A 11 -2.96 -2.34 -5.60
N MMO A 12 -3.97 -1.68 -6.21
CA MMO A 12 -3.78 -0.33 -6.76
C MMO A 12 -4.69 0.72 -6.13
O MMO A 12 -5.85 0.47 -5.77
CB MMO A 12 -4.07 -0.46 -8.26
CG MMO A 12 -3.09 -1.33 -9.02
CD MMO A 12 -3.26 -1.18 -10.52
NE MMO A 12 -4.61 -1.54 -10.96
CZ MMO A 12 -5.14 -1.12 -12.11
NH2 MMO A 12 -4.44 -0.36 -12.95
NH1 MMO A 12 -6.38 -1.48 -12.42
CN MMO A 12 -5.30 -2.34 -6.32
HA MMO A 12 -2.75 -0.02 -6.64
HCB1 MMO A 12 -4.06 0.53 -8.71
HCB2 MMO A 12 -5.06 -0.89 -8.39
HCG1 MMO A 12 -3.24 -2.37 -8.74
HCG2 MMO A 12 -2.08 -1.04 -8.75
HCD1 MMO A 12 -2.55 -1.84 -11.02
HCD2 MMO A 12 -3.05 -0.15 -10.79
HH21 MMO A 12 -3.50 -0.10 -12.71
HH22 MMO A 12 -4.85 -0.07 -13.81
HH11 MMO A 12 -6.79 -1.17 -13.29
HC1 MMO A 12 -5.61 -2.71 -5.35
HC2 MMO A 12 -5.24 -3.17 -7.00
HC3 MMO A 12 -6.03 -1.63 -6.68
HE MMO A 12 -5.14 -2.10 -10.37
HH12 MMO A 12 -6.92 -2.06 -11.79
N PHE A 13 -4.15 1.93 -5.99
CA PHE A 13 -4.83 3.01 -5.31
C PHE A 13 -4.76 4.29 -6.13
N THR A 14 -5.74 5.16 -5.96
CA THR A 14 -5.78 6.41 -6.71
C THR A 14 -5.12 7.54 -5.91
N ARG A 15 -4.70 7.23 -4.69
CA ARG A 15 -4.02 8.21 -3.85
C ARG A 15 -2.83 7.56 -3.18
N SER A 16 -1.69 8.25 -3.24
CA SER A 16 -0.45 7.74 -2.68
C SER A 16 -0.53 7.77 -1.16
OE1 B3D A 17 0.90 11.00 -0.05
CD B3D A 17 0.55 10.50 1.03
OE2 B3D A 17 1.37 10.19 1.92
CG B3D A 17 -0.92 10.24 1.28
CA B3D A 17 -1.39 8.85 0.81
N B3D A 17 -1.23 8.75 -0.61
CB B3D A 17 -2.86 8.72 1.20
C B3D A 17 -3.31 7.29 1.39
O B3D A 17 -2.96 6.64 2.37
HG3 B3D A 17 -1.50 11.00 0.76
HG2 B3D A 17 -1.12 10.34 2.34
HA B3D A 17 -0.80 8.02 1.24
H B3D A 17 -1.65 9.43 -1.20
HB1 B3D A 17 -3.02 9.25 2.13
HB2 B3D A 17 -3.47 9.16 0.43
N GLU A 18 -4.07 6.81 0.41
CA GLU A 18 -4.62 5.45 0.43
C GLU A 18 -3.51 4.41 0.41
N LEU A 19 -2.52 4.63 -0.44
CA LEU A 19 -1.42 3.68 -0.57
C LEU A 19 -0.63 3.57 0.74
N GLN A 20 -0.22 4.71 1.29
CA GLN A 20 0.55 4.72 2.52
C GLN A 20 -0.29 4.24 3.70
N HMR A 21 -1.38 4.94 3.99
CB HMR A 21 -2.24 4.55 5.07
CC HMR A 21 -2.68 5.81 5.85
CG HMR A 21 -1.54 6.52 6.57
CD HMR A 21 -2.06 7.71 7.37
NE HMR A 21 -1.02 8.27 8.25
CZ HMR A 21 -1.21 9.32 9.05
NH1 HMR A 21 -2.39 9.93 9.10
NH2 HMR A 21 -0.22 9.74 9.82
C HMR A 21 -3.43 2.40 4.50
O HMR A 21 -3.66 1.70 5.49
CA HMR A 21 -3.52 3.89 4.55
H HMR A 21 -1.61 5.73 3.44
HB HMR A 21 -1.67 3.83 5.69
HB2 HMR A 21 -3.41 5.51 6.58
HB3 HMR A 21 -3.13 6.49 5.17
HG2 HMR A 21 -0.83 6.87 5.84
HG3 HMR A 21 -1.07 5.82 7.25
HD2 HMR A 21 -2.90 7.38 7.98
HD3 HMR A 21 -2.39 8.47 6.68
HE HMR A 21 -0.14 7.84 8.22
HH1 HMR A 21 -3.15 9.60 8.53
HH21 HMR A 21 -0.35 10.52 10.43
HH22 HMR A 21 0.67 9.27 9.81
HC1 HMR A 21 -4.34 4.17 5.19
HC2 HMR A 21 -3.71 4.25 3.54
HH2 HMR A 21 -2.52 10.71 9.71
N HIS A 22 -3.07 1.90 3.33
CA HIS A 22 -2.99 0.48 3.07
C HIS A 22 -1.69 -0.13 3.56
N LYS A 23 -0.56 0.45 3.15
CA LYS A 23 0.76 -0.10 3.47
C LYS A 23 0.85 -0.36 4.97
N HMR A 24 0.39 0.60 5.75
CB HMR A 24 0.38 0.45 7.17
CC HMR A 24 0.77 1.80 7.80
CG HMR A 24 0.78 1.80 9.32
CD HMR A 24 1.41 3.07 9.87
NE HMR A 24 1.38 3.11 11.33
CZ HMR A 24 2.36 3.63 12.08
NH1 HMR A 24 2.25 3.61 13.39
NH2 HMR A 24 3.43 4.17 11.51
C HMR A 24 -1.20 -1.40 7.93
O HMR A 24 -1.14 -1.85 9.07
CA HMR A 24 -1.02 0.08 7.66
H HMR A 24 0.06 1.44 5.34
HB HMR A 24 1.10 -0.35 7.41
HB2 HMR A 24 0.06 2.55 7.47
HB3 HMR A 24 1.75 2.07 7.46
HG2 HMR A 24 1.33 0.96 9.67
HG3 HMR A 24 -0.24 1.74 9.68
HD2 HMR A 24 0.87 3.93 9.48
HD3 HMR A 24 2.43 3.11 9.53
HE HMR A 24 0.58 2.74 11.78
HH1 HMR A 24 1.43 3.20 13.83
HH21 HMR A 24 3.52 4.18 10.52
HH22 HMR A 24 4.16 4.56 12.07
HC1 HMR A 24 -1.23 0.61 8.57
HC2 HMR A 24 -1.74 0.37 6.91
HH2 HMR A 24 2.97 4.00 13.97
N THR A 25 -1.41 -2.15 6.85
CA THR A 25 -1.67 -3.58 6.94
C THR A 25 -0.37 -4.37 7.03
N HIS A 26 0.57 -4.08 6.14
CA HIS A 26 1.83 -4.80 6.12
C HIS A 26 2.73 -4.26 7.22
CG B3T A 27 4.41 -1.28 7.78
OD1 B3T A 27 3.66 -0.39 6.94
CD2 B3T A 27 5.46 -2.00 6.94
CA B3T A 27 3.46 -2.29 8.45
N B3T A 27 2.66 -2.95 7.43
CB B3T A 27 2.57 -1.57 9.46
C B3T A 27 3.06 -1.73 10.90
O B3T A 27 4.07 -2.41 11.14
HG B3T A 27 4.91 -0.71 8.55
HOD1 B3T A 27 3.05 -0.90 6.41
H1D2 B3T A 27 6.10 -1.27 6.46
H2D2 B3T A 27 4.97 -2.60 6.20
H3D2 B3T A 27 6.06 -2.63 7.58
HA B3T A 27 4.05 -3.03 8.95
H B3T A 27 2.04 -2.42 6.89
HB1 B3T A 27 1.57 -1.97 9.40
HB2 B3T A 27 2.54 -0.51 9.23
N GLY A 28 2.36 -1.12 11.84
CA GLY A 28 2.71 -1.25 13.24
C GLY A 28 4.06 -0.63 13.57
N GLU A 29 4.29 0.58 13.05
CA GLU A 29 5.54 1.30 13.30
C GLU A 29 6.74 0.48 12.84
N LYS A 30 6.69 0.04 11.60
CA LYS A 30 7.76 -0.76 11.03
C LYS A 30 8.35 -0.05 9.81
N NH2 A 31 9.35 0.76 10.04
HN1 NH2 A 31 9.67 0.85 10.97
HN2 NH2 A 31 9.73 1.25 9.29
ZN ZN B . -0.31 -4.28 0.01
#